data_4QS6
#
_entry.id   4QS6
#
_cell.length_a   60.422
_cell.length_b   85.396
_cell.length_c   141.616
_cell.angle_alpha   90.00
_cell.angle_beta   90.00
_cell.angle_gamma   90.00
#
_symmetry.space_group_name_H-M   'P 21 21 21'
#
loop_
_entity.id
_entity.type
_entity.pdbx_description
1 polymer 'Ligw2 Decarboxylase'
2 non-polymer GLYCEROL
3 non-polymer 'CHLORIDE ION'
4 non-polymer '4-hydroxy-3-methoxy-5-nitrobenzoic acid'
5 water water
#
_entity_poly.entity_id   1
_entity_poly.type   'polypeptide(L)'
_entity_poly.pdbx_seq_one_letter_code
;MHHHHHHSSGVDLGTENLYFQSMTQDLKTGGEQGYLRIATEEAFATREIIDVYLRMIRDGTADKGMVSLWGFYAQSPSER
ATQILERLLDLGERRIADMDATGIDKAILALTSPGVQPLHDLDEARTLATRANDTLADACQKYPDRFIGMGTVAPQDPEW
SAREIHRGARELGFKGIQINSHTQGRYLDEEFFDPIFRALVEVDQPLYIHPATSPDSMIDPMLEAGLDGAIFGFGVETGM
HLLRLITIGIFDKYPSLQIMVGHMGEALPYWLYRLDYMHQAGVRSQRYERMKPLKKTIEGYLKSNVLVTNSGVAWEPAIK
FCQQVMGEDRVMYAMNYPYQYVADEVRAMDAMDMSAQTKKKFFQTNAEKWFKL
;
_entity_poly.pdbx_strand_id   A,B
#
loop_
_chem_comp.id
_chem_comp.type
_chem_comp.name
_chem_comp.formula
1DF non-polymer '4-hydroxy-3-methoxy-5-nitrobenzoic acid' 'C8 H7 N O6'
CL non-polymer 'CHLORIDE ION' 'Cl -1'
GOL non-polymer GLYCEROL 'C3 H8 O3'
#
# COMPACT_ATOMS: atom_id res chain seq x y z
N GLN A 25 31.62 -5.67 18.91
CA GLN A 25 32.71 -6.62 18.55
C GLN A 25 32.24 -7.86 17.77
N ASP A 26 30.94 -8.20 17.84
CA ASP A 26 30.44 -9.47 17.30
C ASP A 26 29.95 -9.42 15.85
N LEU A 27 29.90 -8.23 15.25
CA LEU A 27 29.60 -8.08 13.82
C LEU A 27 30.89 -7.81 13.05
N LYS A 28 31.32 -8.78 12.26
CA LYS A 28 32.61 -8.71 11.59
C LYS A 28 32.49 -8.84 10.09
N THR A 29 33.31 -8.07 9.39
CA THR A 29 33.51 -8.28 7.97
C THR A 29 34.38 -9.53 7.73
N GLY A 30 34.46 -9.95 6.47
CA GLY A 30 35.29 -11.06 6.06
C GLY A 30 34.57 -12.37 5.82
N GLY A 31 33.27 -12.42 6.12
CA GLY A 31 32.46 -13.58 5.79
C GLY A 31 32.69 -14.87 6.57
N GLU A 32 33.27 -14.79 7.77
CA GLU A 32 33.53 -16.01 8.59
C GLU A 32 32.23 -16.75 8.95
N GLN A 33 31.10 -16.04 8.99
CA GLN A 33 29.82 -16.67 9.33
C GLN A 33 29.22 -17.47 8.15
N GLY A 34 29.89 -17.47 7.01
CA GLY A 34 29.45 -18.26 5.86
C GLY A 34 29.04 -17.44 4.65
N TYR A 35 28.98 -16.12 4.80
CA TYR A 35 28.57 -15.24 3.70
C TYR A 35 29.14 -13.84 3.90
N LEU A 36 29.35 -13.14 2.81
CA LEU A 36 29.60 -11.73 2.90
C LEU A 36 28.25 -11.04 3.13
N ARG A 37 28.24 -9.90 3.82
CA ARG A 37 27.05 -9.07 3.91
C ARG A 37 27.16 -7.95 2.90
N ILE A 38 26.40 -8.07 1.81
CA ILE A 38 26.35 -7.02 0.77
C ILE A 38 25.03 -6.24 0.95
N ALA A 39 25.14 -4.96 1.24
CA ALA A 39 24.02 -4.09 1.51
C ALA A 39 23.67 -3.38 0.20
N THR A 40 22.50 -3.69 -0.36
CA THR A 40 22.19 -3.32 -1.73
C THR A 40 21.44 -1.99 -1.92
N GLU A 41 21.14 -1.26 -0.85
CA GLU A 41 20.36 0.02 -0.99
C GLU A 41 20.87 1.09 -0.02
N GLU A 42 22.07 1.59 -0.31
CA GLU A 42 22.78 2.49 0.59
C GLU A 42 22.93 3.88 -0.05
N ALA A 43 22.73 4.94 0.73
CA ALA A 43 22.61 6.30 0.17
C ALA A 43 23.80 7.21 0.50
N PHE A 44 24.12 8.11 -0.44
CA PHE A 44 24.98 9.25 -0.21
C PHE A 44 24.33 10.53 -0.76
N ALA A 45 24.86 11.67 -0.33
CA ALA A 45 24.46 12.98 -0.86
C ALA A 45 25.68 13.75 -1.33
N THR A 46 25.44 14.79 -2.14
CA THR A 46 26.46 15.83 -2.33
C THR A 46 25.97 17.14 -1.73
N ARG A 47 26.91 17.87 -1.13
CA ARG A 47 26.57 19.16 -0.51
C ARG A 47 25.94 20.09 -1.52
N GLU A 48 26.48 20.11 -2.72
CA GLU A 48 25.97 21.05 -3.70
C GLU A 48 24.52 20.76 -4.12
N ILE A 49 24.12 19.50 -4.18
CA ILE A 49 22.71 19.16 -4.47
C ILE A 49 21.80 19.50 -3.29
N ILE A 50 22.23 19.20 -2.05
CA ILE A 50 21.44 19.59 -0.88
C ILE A 50 21.25 21.13 -0.90
N ASP A 51 22.30 21.86 -1.24
CA ASP A 51 22.19 23.30 -1.33
C ASP A 51 21.16 23.76 -2.37
N VAL A 52 21.03 23.04 -3.47
CA VAL A 52 20.00 23.37 -4.45
C VAL A 52 18.61 23.15 -3.85
N TYR A 53 18.42 22.05 -3.13
CA TYR A 53 17.13 21.85 -2.47
C TYR A 53 16.81 23.03 -1.56
N LEU A 54 17.79 23.47 -0.78
CA LEU A 54 17.56 24.59 0.12
C LEU A 54 17.19 25.85 -0.63
N ARG A 55 17.82 26.07 -1.79
CA ARG A 55 17.55 27.22 -2.60
C ARG A 55 16.13 27.17 -3.08
N MET A 56 15.69 25.97 -3.49
CA MET A 56 14.33 25.79 -4.03
C MET A 56 13.30 25.99 -2.92
N ILE A 57 13.64 25.55 -1.71
CA ILE A 57 12.76 25.76 -0.58
C ILE A 57 12.62 27.28 -0.30
N ARG A 58 13.74 28.01 -0.33
CA ARG A 58 13.75 29.45 -0.07
CA ARG A 58 13.73 29.45 -0.05
C ARG A 58 13.07 30.24 -1.17
N ASP A 59 13.20 29.81 -2.41
CA ASP A 59 12.63 30.62 -3.48
C ASP A 59 11.21 30.20 -3.89
N GLY A 60 10.67 29.19 -3.21
CA GLY A 60 9.31 28.73 -3.47
C GLY A 60 9.11 27.88 -4.73
N THR A 61 10.17 27.28 -5.25
CA THR A 61 10.04 26.42 -6.41
C THR A 61 10.05 24.93 -6.00
N ALA A 62 10.39 24.65 -4.74
CA ALA A 62 10.30 23.29 -4.16
C ALA A 62 8.86 22.82 -4.15
N ASP A 63 8.66 21.55 -4.50
CA ASP A 63 7.32 20.96 -4.35
C ASP A 63 7.06 20.62 -2.88
N LYS A 64 5.81 20.31 -2.54
CA LYS A 64 5.46 20.07 -1.12
C LYS A 64 6.28 18.95 -0.46
N GLY A 65 6.56 17.90 -1.23
CA GLY A 65 7.36 16.79 -0.79
C GLY A 65 8.79 17.19 -0.48
N MET A 66 9.42 18.01 -1.31
CA MET A 66 10.77 18.49 -1.03
C MET A 66 10.82 19.35 0.23
N VAL A 67 9.83 20.21 0.38
CA VAL A 67 9.73 21.05 1.57
C VAL A 67 9.64 20.16 2.80
N SER A 68 8.75 19.17 2.76
CA SER A 68 8.55 18.25 3.88
C SER A 68 9.82 17.46 4.21
N LEU A 69 10.38 16.81 3.20
CA LEU A 69 11.49 15.88 3.36
C LEU A 69 12.83 16.57 3.63
N TRP A 70 13.26 17.41 2.69
CA TRP A 70 14.52 18.12 2.79
C TRP A 70 14.48 19.38 3.66
N GLY A 71 13.33 20.04 3.77
CA GLY A 71 13.17 21.04 4.81
C GLY A 71 13.42 20.48 6.21
N PHE A 72 13.12 19.20 6.42
CA PHE A 72 13.41 18.57 7.70
C PHE A 72 14.88 18.14 7.76
N TYR A 73 15.33 17.28 6.84
CA TYR A 73 16.71 16.72 6.99
C TYR A 73 17.82 17.76 6.87
N ALA A 74 17.61 18.79 6.06
CA ALA A 74 18.65 19.78 5.88
C ALA A 74 18.64 20.84 6.95
N GLN A 75 17.59 20.93 7.76
CA GLN A 75 17.43 22.02 8.73
C GLN A 75 17.14 21.61 10.18
N SER A 76 16.67 20.40 10.40
CA SER A 76 16.31 19.97 11.75
C SER A 76 17.57 19.78 12.62
N PRO A 77 17.56 20.26 13.87
CA PRO A 77 18.66 20.00 14.79
C PRO A 77 18.53 18.67 15.52
N SER A 78 17.50 17.88 15.20
CA SER A 78 17.31 16.58 15.82
C SER A 78 18.53 15.69 15.61
N GLU A 79 18.71 14.77 16.52
CA GLU A 79 19.75 13.77 16.41
C GLU A 79 19.62 13.01 15.11
N ARG A 80 18.41 12.59 14.77
CA ARG A 80 18.24 11.74 13.58
C ARG A 80 18.68 12.45 12.30
N ALA A 81 18.20 13.68 12.11
CA ALA A 81 18.54 14.49 10.95
C ALA A 81 20.03 14.79 10.83
N THR A 82 20.65 15.14 11.96
CA THR A 82 22.04 15.58 11.94
CA THR A 82 22.05 15.57 11.99
C THR A 82 22.95 14.40 11.62
N GLN A 83 22.63 13.24 12.16
CA GLN A 83 23.41 12.04 11.86
C GLN A 83 23.22 11.61 10.40
N ILE A 84 22.01 11.73 9.89
CA ILE A 84 21.75 11.36 8.52
C ILE A 84 22.56 12.23 7.56
N LEU A 85 22.53 13.54 7.80
CA LEU A 85 23.26 14.50 6.97
C LEU A 85 24.74 14.22 7.00
N GLU A 86 25.27 14.05 8.20
CA GLU A 86 26.69 13.79 8.36
C GLU A 86 27.08 12.52 7.61
N ARG A 87 26.30 11.45 7.77
CA ARG A 87 26.65 10.16 7.14
C ARG A 87 26.45 10.18 5.65
N LEU A 88 25.36 10.79 5.18
CA LEU A 88 25.10 10.90 3.74
C LEU A 88 26.27 11.54 2.99
N LEU A 89 26.90 12.55 3.58
CA LEU A 89 27.90 13.31 2.86
C LEU A 89 29.29 12.64 2.81
N ASP A 90 29.50 11.59 3.57
CA ASP A 90 30.80 10.94 3.65
C ASP A 90 30.88 9.75 2.70
N LEU A 91 31.93 9.73 1.88
CA LEU A 91 32.21 8.62 0.99
C LEU A 91 33.65 8.13 1.19
N GLY A 92 34.07 8.02 2.43
CA GLY A 92 35.43 7.68 2.78
C GLY A 92 35.45 6.94 4.10
N GLU A 93 36.44 7.26 4.93
CA GLU A 93 36.78 6.44 6.11
C GLU A 93 35.71 6.36 7.20
N ARG A 94 34.94 7.42 7.37
CA ARG A 94 33.83 7.37 8.33
C ARG A 94 32.72 6.37 7.91
N ARG A 95 32.36 6.38 6.62
CA ARG A 95 31.40 5.43 6.08
C ARG A 95 31.96 4.00 6.23
N ILE A 96 33.25 3.81 5.89
CA ILE A 96 33.91 2.53 6.03
C ILE A 96 33.89 2.07 7.48
N ALA A 97 34.18 2.97 8.41
CA ALA A 97 34.13 2.62 9.83
C ALA A 97 32.71 2.21 10.28
N ASP A 98 31.71 2.87 9.73
CA ASP A 98 30.33 2.51 10.07
C ASP A 98 29.96 1.12 9.52
N MET A 99 30.42 0.83 8.31
CA MET A 99 30.25 -0.49 7.71
C MET A 99 31.00 -1.56 8.51
N ASP A 100 32.28 -1.33 8.84
CA ASP A 100 33.08 -2.27 9.63
C ASP A 100 32.40 -2.60 10.97
N ALA A 101 31.80 -1.60 11.59
CA ALA A 101 31.21 -1.78 12.92
C ALA A 101 29.94 -2.63 12.88
N THR A 102 29.36 -2.79 11.71
CA THR A 102 28.15 -3.59 11.56
C THR A 102 28.32 -4.79 10.63
N GLY A 103 29.57 -5.13 10.32
CA GLY A 103 29.87 -6.32 9.55
C GLY A 103 29.50 -6.27 8.09
N ILE A 104 29.38 -5.06 7.54
CA ILE A 104 28.97 -4.89 6.16
C ILE A 104 30.19 -4.88 5.27
N ASP A 105 30.29 -5.90 4.43
CA ASP A 105 31.44 -6.08 3.55
C ASP A 105 31.44 -5.14 2.35
N LYS A 106 30.27 -4.97 1.75
CA LYS A 106 30.12 -4.15 0.57
C LYS A 106 28.80 -3.40 0.62
N ALA A 107 28.78 -2.22 0.02
CA ALA A 107 27.58 -1.37 -0.06
C ALA A 107 27.40 -0.89 -1.48
N ILE A 108 26.16 -1.03 -2.00
CA ILE A 108 25.82 -0.52 -3.32
C ILE A 108 25.20 0.85 -3.07
N LEU A 109 25.85 1.86 -3.62
CA LEU A 109 25.61 3.27 -3.25
C LEU A 109 24.90 4.00 -4.34
N ALA A 110 23.91 4.79 -3.95
CA ALA A 110 23.18 5.62 -4.88
C ALA A 110 22.86 6.98 -4.27
N LEU A 111 22.83 7.98 -5.14
CA LEU A 111 22.52 9.34 -4.71
C LEU A 111 21.12 9.40 -4.12
N THR A 112 21.03 10.01 -2.95
CA THR A 112 19.81 10.00 -2.17
C THR A 112 18.68 10.74 -2.84
N SER A 113 17.47 10.24 -2.62
CA SER A 113 16.23 10.78 -3.23
C SER A 113 15.97 12.22 -2.79
N PRO A 114 15.54 13.11 -3.72
CA PRO A 114 15.09 12.83 -5.10
C PRO A 114 16.11 13.02 -6.20
N GLY A 115 17.40 13.05 -5.83
CA GLY A 115 18.44 13.31 -6.81
C GLY A 115 18.26 14.66 -7.49
N VAL A 116 18.51 14.71 -8.79
CA VAL A 116 18.34 15.92 -9.56
C VAL A 116 16.98 15.99 -10.25
N GLN A 117 16.12 15.01 -10.00
CA GLN A 117 14.86 14.89 -10.74
C GLN A 117 13.92 16.08 -10.55
N PRO A 118 13.91 16.74 -9.38
CA PRO A 118 13.00 17.90 -9.29
C PRO A 118 13.49 19.21 -9.97
N LEU A 119 14.72 19.23 -10.45
CA LEU A 119 15.33 20.50 -10.89
C LEU A 119 14.72 20.97 -12.20
N HIS A 120 14.31 22.23 -12.24
CA HIS A 120 13.73 22.82 -13.47
C HIS A 120 14.75 23.22 -14.53
N ASP A 121 15.96 23.56 -14.11
CA ASP A 121 17.02 23.96 -15.04
C ASP A 121 17.75 22.70 -15.50
N LEU A 122 17.55 22.31 -16.76
CA LEU A 122 18.09 21.04 -17.27
C LEU A 122 19.60 21.04 -17.30
N ASP A 123 20.18 22.17 -17.63
CA ASP A 123 21.63 22.29 -17.68
C ASP A 123 22.20 22.05 -16.29
N GLU A 124 21.53 22.63 -15.30
CA GLU A 124 21.94 22.43 -13.91
C GLU A 124 21.76 20.96 -13.50
N ALA A 125 20.60 20.37 -13.80
CA ALA A 125 20.35 18.94 -13.51
C ALA A 125 21.45 18.03 -14.09
N ARG A 126 21.73 18.21 -15.39
CA ARG A 126 22.73 17.43 -16.09
C ARG A 126 24.10 17.63 -15.48
N THR A 127 24.45 18.89 -15.20
CA THR A 127 25.72 19.20 -14.54
C THR A 127 25.89 18.56 -13.17
N LEU A 128 24.90 18.72 -12.30
CA LEU A 128 25.01 18.18 -10.95
C LEU A 128 24.97 16.66 -10.90
N ALA A 129 24.23 16.04 -11.83
CA ALA A 129 24.19 14.59 -11.96
C ALA A 129 25.54 14.08 -12.41
N THR A 130 26.13 14.72 -13.42
CA THR A 130 27.48 14.39 -13.86
C THR A 130 28.46 14.40 -12.70
N ARG A 131 28.42 15.46 -11.93
CA ARG A 131 29.35 15.61 -10.82
C ARG A 131 29.10 14.58 -9.70
N ALA A 132 27.84 14.26 -9.43
CA ALA A 132 27.51 13.25 -8.42
C ALA A 132 28.03 11.88 -8.86
N ASN A 133 27.88 11.58 -10.15
CA ASN A 133 28.38 10.33 -10.71
C ASN A 133 29.91 10.27 -10.68
N ASP A 134 30.58 11.36 -11.01
CA ASP A 134 32.07 11.36 -10.98
C ASP A 134 32.59 11.23 -9.55
N THR A 135 31.87 11.85 -8.62
CA THR A 135 32.23 11.78 -7.19
C THR A 135 32.09 10.33 -6.66
N LEU A 136 30.99 9.68 -7.06
CA LEU A 136 30.77 8.29 -6.65
C LEU A 136 31.81 7.37 -7.28
N ALA A 137 32.12 7.60 -8.56
CA ALA A 137 33.08 6.76 -9.28
C ALA A 137 34.46 6.90 -8.66
N ASP A 138 34.82 8.11 -8.27
CA ASP A 138 36.07 8.32 -7.53
C ASP A 138 36.11 7.53 -6.22
N ALA A 139 35.03 7.53 -5.47
CA ALA A 139 35.00 6.77 -4.23
C ALA A 139 35.12 5.27 -4.43
N CYS A 140 34.42 4.74 -5.47
CA CYS A 140 34.46 3.32 -5.75
C CYS A 140 35.85 2.90 -6.19
N GLN A 141 36.50 3.77 -6.95
CA GLN A 141 37.88 3.55 -7.37
C GLN A 141 38.83 3.49 -6.16
N LYS A 142 38.53 4.29 -5.14
CA LYS A 142 39.40 4.38 -3.98
C LYS A 142 39.19 3.19 -3.04
N TYR A 143 37.96 2.74 -2.93
CA TYR A 143 37.62 1.56 -2.09
C TYR A 143 36.91 0.47 -2.90
N PRO A 144 37.62 -0.16 -3.85
CA PRO A 144 36.93 -1.00 -4.84
C PRO A 144 36.40 -2.31 -4.26
N ASP A 145 36.90 -2.74 -3.10
CA ASP A 145 36.39 -3.95 -2.45
C ASP A 145 35.24 -3.64 -1.48
N ARG A 146 34.87 -2.37 -1.34
CA ARG A 146 33.83 -1.97 -0.37
C ARG A 146 32.64 -1.22 -0.97
N PHE A 147 32.87 -0.43 -2.03
CA PHE A 147 31.86 0.46 -2.58
C PHE A 147 31.60 0.03 -4.01
N ILE A 148 30.32 -0.07 -4.36
CA ILE A 148 29.82 -0.37 -5.69
C ILE A 148 28.83 0.73 -6.04
N GLY A 149 28.88 1.29 -7.27
CA GLY A 149 28.02 2.41 -7.61
C GLY A 149 26.85 2.07 -8.51
N MET A 150 25.72 2.72 -8.21
CA MET A 150 24.60 2.87 -9.12
C MET A 150 24.56 4.35 -9.49
N GLY A 151 24.46 4.64 -10.79
CA GLY A 151 24.46 6.01 -11.27
C GLY A 151 23.10 6.67 -11.15
N THR A 152 23.14 7.99 -11.24
CA THR A 152 21.97 8.82 -11.12
C THR A 152 21.79 9.50 -12.48
N VAL A 153 20.55 9.76 -12.86
CA VAL A 153 20.29 10.39 -14.15
C VAL A 153 19.32 11.55 -13.96
N ALA A 154 18.94 12.18 -15.07
CA ALA A 154 17.99 13.29 -15.08
C ALA A 154 16.90 12.96 -16.09
N PRO A 155 15.85 12.25 -15.64
CA PRO A 155 14.86 11.76 -16.58
C PRO A 155 14.10 12.86 -17.28
N GLN A 156 14.15 14.09 -16.75
CA GLN A 156 13.65 15.29 -17.43
CA GLN A 156 13.56 15.22 -17.44
C GLN A 156 14.23 15.39 -18.83
N ASP A 157 15.45 14.85 -18.99
CA ASP A 157 16.17 14.71 -20.29
C ASP A 157 16.48 13.21 -20.56
N PRO A 158 15.53 12.50 -21.18
CA PRO A 158 15.72 11.06 -21.35
C PRO A 158 16.88 10.69 -22.23
N GLU A 159 17.16 11.50 -23.26
CA GLU A 159 18.24 11.20 -24.18
C GLU A 159 19.62 11.41 -23.53
N TRP A 160 19.79 12.50 -22.78
CA TRP A 160 20.99 12.68 -21.95
C TRP A 160 21.12 11.51 -20.96
N SER A 161 20.01 11.15 -20.34
CA SER A 161 20.00 10.05 -19.39
C SER A 161 20.49 8.72 -20.02
N ALA A 162 20.06 8.46 -21.26
CA ALA A 162 20.54 7.30 -21.99
C ALA A 162 22.07 7.32 -22.15
N ARG A 163 22.62 8.48 -22.45
CA ARG A 163 24.06 8.63 -22.61
C ARG A 163 24.80 8.50 -21.29
N GLU A 164 24.21 9.00 -20.22
CA GLU A 164 24.80 8.85 -18.90
C GLU A 164 24.77 7.39 -18.41
N ILE A 165 23.79 6.62 -18.87
CA ILE A 165 23.75 5.19 -18.59
C ILE A 165 24.88 4.48 -19.34
N HIS A 166 25.11 4.86 -20.59
CA HIS A 166 26.27 4.36 -21.32
C HIS A 166 27.56 4.64 -20.54
N ARG A 167 27.71 5.88 -20.11
CA ARG A 167 28.95 6.33 -19.46
C ARG A 167 29.17 5.62 -18.11
N GLY A 168 28.11 5.53 -17.30
CA GLY A 168 28.19 4.76 -16.03
C GLY A 168 28.66 3.31 -16.20
N ALA A 169 28.08 2.61 -17.18
CA ALA A 169 28.34 1.19 -17.39
C ALA A 169 29.72 1.00 -17.98
N ARG A 170 30.09 1.87 -18.92
CA ARG A 170 31.27 1.63 -19.75
C ARG A 170 32.50 2.36 -19.29
N GLU A 171 32.35 3.54 -18.69
CA GLU A 171 33.50 4.29 -18.18
C GLU A 171 33.64 4.34 -16.67
N LEU A 172 32.54 4.38 -15.95
CA LEU A 172 32.61 4.59 -14.50
C LEU A 172 32.56 3.34 -13.65
N GLY A 173 32.33 2.20 -14.25
CA GLY A 173 32.25 0.95 -13.50
C GLY A 173 30.99 0.71 -12.67
N PHE A 174 29.95 1.49 -12.90
CA PHE A 174 28.67 1.30 -12.19
C PHE A 174 27.93 0.04 -12.68
N LYS A 175 27.02 -0.45 -11.85
CA LYS A 175 26.32 -1.70 -12.11
C LYS A 175 24.85 -1.52 -12.52
N GLY A 176 24.41 -0.27 -12.62
CA GLY A 176 23.00 0.02 -12.87
C GLY A 176 22.76 1.46 -12.58
N ILE A 177 21.48 1.87 -12.55
CA ILE A 177 21.10 3.23 -12.15
C ILE A 177 19.93 3.12 -11.16
N GLN A 178 19.82 4.14 -10.32
CA GLN A 178 18.69 4.33 -9.47
C GLN A 178 17.90 5.56 -9.93
N ILE A 179 16.60 5.38 -10.12
CA ILE A 179 15.67 6.48 -10.34
C ILE A 179 14.79 6.63 -9.11
N ASN A 180 14.68 7.87 -8.62
CA ASN A 180 13.95 8.16 -7.40
C ASN A 180 12.51 8.45 -7.74
N SER A 181 11.87 7.38 -8.18
CA SER A 181 10.49 7.36 -8.63
C SER A 181 10.14 8.52 -9.59
N HIS A 182 9.06 9.25 -9.34
CA HIS A 182 8.57 10.22 -10.31
C HIS A 182 9.53 11.37 -10.60
N THR A 183 9.45 11.89 -11.82
CA THR A 183 10.14 13.15 -12.16
C THR A 183 9.11 14.26 -12.42
N GLN A 184 9.04 15.18 -11.49
CA GLN A 184 8.13 16.31 -11.56
C GLN A 184 6.69 15.88 -11.94
N GLY A 185 6.22 14.83 -11.27
CA GLY A 185 4.87 14.30 -11.38
C GLY A 185 4.62 13.41 -12.56
N ARG A 186 5.69 13.05 -13.27
CA ARG A 186 5.57 12.19 -14.44
C ARG A 186 6.23 10.84 -14.15
N TYR A 187 5.62 9.78 -14.67
CA TYR A 187 6.06 8.41 -14.41
C TYR A 187 6.66 7.79 -15.64
N LEU A 188 7.49 6.77 -15.39
CA LEU A 188 8.33 6.18 -16.42
C LEU A 188 7.58 5.37 -17.47
N ASP A 189 6.29 5.09 -17.22
CA ASP A 189 5.48 4.41 -18.22
C ASP A 189 5.15 5.28 -19.43
N GLU A 190 5.39 6.58 -19.36
CA GLU A 190 5.21 7.44 -20.54
C GLU A 190 6.25 7.14 -21.61
N GLU A 191 5.81 7.14 -22.86
CA GLU A 191 6.75 6.90 -23.95
C GLU A 191 7.91 7.87 -23.97
N PHE A 192 7.70 9.08 -23.46
CA PHE A 192 8.77 10.09 -23.34
C PHE A 192 10.06 9.53 -22.73
N PHE A 193 9.92 8.61 -21.76
CA PHE A 193 11.06 8.10 -21.00
C PHE A 193 11.72 6.89 -21.63
N ASP A 194 11.22 6.44 -22.79
CA ASP A 194 11.67 5.18 -23.40
C ASP A 194 13.19 5.06 -23.60
N PRO A 195 13.89 6.18 -23.95
CA PRO A 195 15.34 6.07 -24.15
C PRO A 195 16.10 5.55 -22.95
N ILE A 196 15.58 5.79 -21.75
CA ILE A 196 16.16 5.21 -20.55
C ILE A 196 16.11 3.69 -20.57
N PHE A 197 14.94 3.14 -20.88
CA PHE A 197 14.80 1.67 -20.94
C PHE A 197 15.65 1.07 -22.08
N ARG A 198 15.71 1.74 -23.23
CA ARG A 198 16.52 1.26 -24.35
C ARG A 198 17.99 1.14 -23.94
N ALA A 199 18.46 2.18 -23.27
CA ALA A 199 19.83 2.21 -22.81
C ALA A 199 20.13 1.11 -21.78
N LEU A 200 19.24 0.90 -20.80
CA LEU A 200 19.46 -0.17 -19.80
C LEU A 200 19.52 -1.56 -20.41
N VAL A 201 18.66 -1.79 -21.40
CA VAL A 201 18.66 -3.07 -22.10
C VAL A 201 19.95 -3.19 -22.92
N GLU A 202 20.40 -2.09 -23.53
CA GLU A 202 21.65 -2.06 -24.30
C GLU A 202 22.87 -2.43 -23.46
N VAL A 203 23.03 -1.82 -22.29
CA VAL A 203 24.15 -2.13 -21.39
C VAL A 203 23.86 -3.33 -20.48
N ASP A 204 22.60 -3.78 -20.50
CA ASP A 204 22.14 -4.97 -19.78
C ASP A 204 22.31 -4.80 -18.26
N GLN A 205 21.67 -3.76 -17.75
CA GLN A 205 21.79 -3.41 -16.34
C GLN A 205 20.46 -3.18 -15.70
N PRO A 206 20.36 -3.48 -14.40
CA PRO A 206 19.09 -3.26 -13.72
C PRO A 206 18.79 -1.80 -13.39
N LEU A 207 17.50 -1.52 -13.28
CA LEU A 207 17.05 -0.23 -12.75
C LEU A 207 16.56 -0.46 -11.32
N TYR A 208 17.03 0.36 -10.40
CA TYR A 208 16.47 0.38 -9.05
C TYR A 208 15.49 1.54 -9.00
N ILE A 209 14.23 1.27 -8.72
CA ILE A 209 13.29 2.36 -8.49
C ILE A 209 13.18 2.56 -6.98
N HIS A 210 13.74 3.67 -6.53
CA HIS A 210 13.80 4.04 -5.15
C HIS A 210 12.68 5.03 -4.86
N PRO A 211 12.21 5.11 -3.59
CA PRO A 211 11.11 6.05 -3.32
C PRO A 211 11.46 7.51 -3.46
N ALA A 212 10.41 8.31 -3.55
CA ALA A 212 10.45 9.74 -3.38
C ALA A 212 9.13 10.13 -2.73
N THR A 213 9.06 11.35 -2.23
CA THR A 213 7.76 11.89 -1.88
C THR A 213 6.84 11.95 -3.10
N SER A 214 5.54 11.83 -2.84
CA SER A 214 4.52 11.94 -3.88
C SER A 214 4.52 13.33 -4.52
N PRO A 215 4.11 13.40 -5.79
CA PRO A 215 4.00 14.71 -6.40
C PRO A 215 2.84 15.49 -5.77
N ASP A 216 2.79 16.78 -6.08
CA ASP A 216 1.78 17.67 -5.55
C ASP A 216 0.36 17.22 -5.88
N SER A 217 0.18 16.56 -7.01
CA SER A 217 -1.12 16.03 -7.43
C SER A 217 -1.67 14.93 -6.53
N MET A 218 -0.84 14.36 -5.66
CA MET A 218 -1.22 13.23 -4.80
C MET A 218 -0.96 13.39 -3.31
N ILE A 219 -0.09 14.29 -2.92
CA ILE A 219 0.49 14.25 -1.58
C ILE A 219 -0.40 14.78 -0.44
N ASP A 220 -1.36 15.67 -0.74
CA ASP A 220 -2.02 16.44 0.34
C ASP A 220 -2.54 15.65 1.54
N PRO A 221 -3.36 14.62 1.31
CA PRO A 221 -3.88 13.92 2.48
C PRO A 221 -2.85 13.15 3.29
N MET A 222 -1.74 12.75 2.69
CA MET A 222 -0.66 12.11 3.44
C MET A 222 0.16 13.16 4.21
N LEU A 223 0.46 14.26 3.54
CA LEU A 223 1.26 15.35 4.12
C LEU A 223 0.61 15.90 5.37
N GLU A 224 -0.70 16.13 5.29
CA GLU A 224 -1.41 16.73 6.41
C GLU A 224 -1.42 15.83 7.65
N ALA A 225 -1.26 14.52 7.47
CA ALA A 225 -1.26 13.57 8.58
C ALA A 225 0.16 13.13 9.01
N GLY A 226 1.20 13.66 8.38
CA GLY A 226 2.56 13.22 8.67
C GLY A 226 2.96 11.90 8.03
N LEU A 227 2.25 11.50 6.98
CA LEU A 227 2.40 10.16 6.38
C LEU A 227 3.01 10.21 4.99
N ASP A 228 3.49 11.37 4.57
CA ASP A 228 4.01 11.53 3.19
C ASP A 228 5.37 10.84 2.98
N GLY A 229 6.10 10.59 4.05
CA GLY A 229 7.44 10.07 3.95
C GLY A 229 7.50 8.56 3.99
N ALA A 230 8.62 8.08 4.52
CA ALA A 230 8.95 6.68 4.55
C ALA A 230 7.94 5.81 5.28
N ILE A 231 7.26 6.35 6.29
CA ILE A 231 6.24 5.60 6.99
C ILE A 231 5.13 5.04 6.09
N PHE A 232 4.84 5.70 4.97
CA PHE A 232 3.65 5.34 4.14
C PHE A 232 3.71 5.86 2.72
N GLY A 233 3.84 7.17 2.56
CA GLY A 233 3.81 7.78 1.22
C GLY A 233 4.82 7.22 0.26
N PHE A 234 6.04 6.96 0.72
CA PHE A 234 7.07 6.30 -0.07
C PHE A 234 6.59 5.00 -0.70
N GLY A 235 6.00 4.12 0.10
CA GLY A 235 5.46 2.86 -0.38
C GLY A 235 4.34 3.01 -1.38
N VAL A 236 3.48 3.99 -1.17
CA VAL A 236 2.39 4.27 -2.09
C VAL A 236 2.96 4.73 -3.43
N GLU A 237 3.87 5.68 -3.39
CA GLU A 237 4.43 6.24 -4.63
C GLU A 237 5.23 5.16 -5.39
N THR A 238 6.09 4.44 -4.70
CA THR A 238 6.96 3.46 -5.37
C THR A 238 6.19 2.24 -5.87
N GLY A 239 5.30 1.71 -5.05
CA GLY A 239 4.42 0.60 -5.48
C GLY A 239 3.56 0.99 -6.69
N MET A 240 3.01 2.20 -6.70
CA MET A 240 2.22 2.67 -7.83
C MET A 240 3.08 2.79 -9.10
N HIS A 241 4.31 3.27 -8.95
CA HIS A 241 5.22 3.40 -10.08
C HIS A 241 5.61 2.04 -10.69
N LEU A 242 5.97 1.08 -9.85
CA LEU A 242 6.27 -0.28 -10.33
C LEU A 242 5.03 -0.91 -10.95
N LEU A 243 3.89 -0.76 -10.29
CA LEU A 243 2.70 -1.37 -10.79
C LEU A 243 2.30 -0.80 -12.15
N ARG A 244 2.38 0.51 -12.33
CA ARG A 244 2.03 1.06 -13.63
C ARG A 244 3.01 0.70 -14.74
N LEU A 245 4.29 0.50 -14.41
CA LEU A 245 5.24 -0.05 -15.35
C LEU A 245 4.86 -1.47 -15.73
N ILE A 246 4.51 -2.29 -14.76
CA ILE A 246 4.10 -3.64 -15.09
C ILE A 246 2.85 -3.66 -15.99
N THR A 247 1.81 -2.89 -15.64
CA THR A 247 0.53 -2.93 -16.38
C THR A 247 0.59 -2.25 -17.76
N ILE A 248 1.56 -1.38 -17.97
CA ILE A 248 1.72 -0.79 -19.29
C ILE A 248 2.43 -1.76 -20.23
N GLY A 249 2.98 -2.84 -19.68
CA GLY A 249 3.65 -3.85 -20.46
C GLY A 249 5.14 -3.66 -20.67
N ILE A 250 5.82 -2.99 -19.74
CA ILE A 250 7.24 -2.71 -19.90
C ILE A 250 8.06 -3.99 -20.10
N PHE A 251 7.70 -5.07 -19.40
CA PHE A 251 8.45 -6.31 -19.46
C PHE A 251 8.09 -7.20 -20.67
N ASP A 252 7.00 -6.87 -21.35
CA ASP A 252 6.75 -7.43 -22.70
C ASP A 252 7.54 -6.69 -23.79
N LYS A 253 7.68 -5.38 -23.65
CA LYS A 253 8.48 -4.58 -24.55
C LYS A 253 9.98 -4.85 -24.36
N TYR A 254 10.40 -4.99 -23.11
CA TYR A 254 11.79 -5.27 -22.72
C TYR A 254 11.88 -6.47 -21.78
N PRO A 255 11.76 -7.68 -22.34
CA PRO A 255 11.73 -8.90 -21.52
C PRO A 255 13.00 -9.20 -20.73
N SER A 256 14.12 -8.61 -21.12
CA SER A 256 15.37 -8.79 -20.32
C SER A 256 15.50 -7.82 -19.13
N LEU A 257 14.64 -6.80 -19.06
CA LEU A 257 14.77 -5.78 -18.05
C LEU A 257 14.47 -6.32 -16.65
N GLN A 258 15.37 -6.03 -15.71
CA GLN A 258 15.19 -6.27 -14.27
C GLN A 258 14.99 -4.93 -13.57
N ILE A 259 13.89 -4.82 -12.83
CA ILE A 259 13.65 -3.65 -12.00
C ILE A 259 13.70 -4.12 -10.55
N MET A 260 14.51 -3.45 -9.74
CA MET A 260 14.64 -3.70 -8.30
C MET A 260 13.86 -2.64 -7.55
N VAL A 261 13.23 -3.03 -6.45
CA VAL A 261 12.66 -2.09 -5.50
C VAL A 261 12.96 -2.59 -4.10
N GLY A 262 12.87 -1.69 -3.12
CA GLY A 262 13.22 -2.02 -1.73
C GLY A 262 11.98 -2.21 -0.91
N HIS A 263 12.13 -2.15 0.41
CA HIS A 263 10.97 -2.11 1.30
C HIS A 263 10.04 -3.31 1.09
N MET A 264 10.66 -4.47 0.88
CA MET A 264 9.95 -5.70 0.72
C MET A 264 8.97 -5.67 -0.46
N GLY A 265 9.37 -4.98 -1.54
CA GLY A 265 8.57 -4.92 -2.75
C GLY A 265 7.43 -3.92 -2.69
N GLU A 266 7.52 -2.99 -1.74
CA GLU A 266 6.53 -1.92 -1.58
C GLU A 266 5.10 -2.48 -1.46
N ALA A 267 5.01 -3.57 -0.69
CA ALA A 267 3.77 -4.31 -0.45
C ALA A 267 3.18 -5.05 -1.67
N LEU A 268 3.73 -4.89 -2.88
CA LEU A 268 3.14 -5.59 -4.01
C LEU A 268 3.12 -7.12 -3.83
N PRO A 269 4.14 -7.72 -3.23
CA PRO A 269 4.03 -9.18 -3.04
C PRO A 269 2.86 -9.60 -2.14
N TYR A 270 2.53 -8.79 -1.14
CA TYR A 270 1.41 -9.08 -0.25
C TYR A 270 0.07 -8.85 -0.93
N TRP A 271 0.01 -7.87 -1.82
CA TRP A 271 -1.22 -7.57 -2.57
C TRP A 271 -1.45 -8.46 -3.81
N LEU A 272 -0.53 -9.40 -4.07
CA LEU A 272 -0.44 -10.04 -5.38
C LEU A 272 -1.73 -10.70 -5.83
N TYR A 273 -2.39 -11.43 -4.94
CA TYR A 273 -3.61 -12.08 -5.29
C TYR A 273 -4.64 -11.05 -5.77
N ARG A 274 -4.82 -9.98 -5.01
CA ARG A 274 -5.75 -8.91 -5.37
C ARG A 274 -5.36 -8.17 -6.68
N LEU A 275 -4.07 -7.95 -6.85
CA LEU A 275 -3.56 -7.27 -8.04
C LEU A 275 -3.90 -8.09 -9.27
N ASP A 276 -3.61 -9.38 -9.26
CA ASP A 276 -3.88 -10.21 -10.42
C ASP A 276 -5.34 -10.38 -10.67
N TYR A 277 -6.13 -10.64 -9.64
CA TYR A 277 -7.59 -10.70 -9.79
C TYR A 277 -8.17 -9.43 -10.44
N MET A 278 -7.86 -8.28 -9.86
CA MET A 278 -8.44 -7.02 -10.33
C MET A 278 -7.83 -6.53 -11.65
N HIS A 279 -6.57 -6.87 -11.90
CA HIS A 279 -5.95 -6.57 -13.18
C HIS A 279 -6.66 -7.32 -14.30
N GLN A 280 -6.88 -8.61 -14.09
CA GLN A 280 -7.58 -9.41 -15.07
C GLN A 280 -9.00 -8.90 -15.27
N ALA A 281 -9.69 -8.55 -14.19
CA ALA A 281 -11.05 -8.02 -14.30
C ALA A 281 -11.09 -6.74 -15.16
N GLY A 282 -10.11 -5.88 -14.94
CA GLY A 282 -10.01 -4.60 -15.66
C GLY A 282 -9.68 -4.79 -17.15
N VAL A 283 -8.76 -5.71 -17.44
CA VAL A 283 -8.38 -6.05 -18.82
C VAL A 283 -9.59 -6.61 -19.57
N ARG A 284 -10.27 -7.57 -18.96
CA ARG A 284 -11.38 -8.26 -19.64
C ARG A 284 -12.56 -7.34 -19.87
N SER A 285 -12.83 -6.44 -18.92
CA SER A 285 -13.96 -5.52 -19.07
C SER A 285 -13.65 -4.26 -19.92
N GLN A 286 -12.42 -4.12 -20.38
CA GLN A 286 -12.01 -2.93 -21.15
C GLN A 286 -12.24 -1.62 -20.41
N ARG A 287 -12.11 -1.66 -19.08
CA ARG A 287 -12.39 -0.49 -18.25
C ARG A 287 -11.44 0.68 -18.55
N TYR A 288 -10.18 0.38 -18.89
CA TYR A 288 -9.13 1.39 -19.00
C TYR A 288 -8.23 1.29 -20.25
N GLU A 289 -8.07 2.40 -20.95
N GLU A 289 -8.07 2.41 -20.96
CA GLU A 289 -7.23 2.44 -22.15
CA GLU A 289 -7.21 2.44 -22.14
C GLU A 289 -5.78 2.00 -21.90
C GLU A 289 -5.78 1.95 -21.88
N ARG A 290 -5.23 2.28 -20.71
CA ARG A 290 -3.84 1.94 -20.40
C ARG A 290 -3.70 0.58 -19.71
N MET A 291 -4.77 -0.23 -19.74
CA MET A 291 -4.72 -1.57 -19.12
C MET A 291 -5.21 -2.62 -20.14
N LYS A 292 -4.25 -3.09 -20.96
CA LYS A 292 -4.48 -4.02 -22.05
C LYS A 292 -3.78 -5.34 -21.75
N PRO A 293 -4.08 -6.40 -22.53
CA PRO A 293 -3.58 -7.73 -22.15
C PRO A 293 -2.07 -7.79 -22.11
N LEU A 294 -1.55 -8.51 -21.11
CA LEU A 294 -0.13 -8.74 -20.96
C LEU A 294 0.19 -10.22 -21.19
N LYS A 295 1.44 -10.50 -21.53
CA LYS A 295 1.87 -11.88 -21.82
C LYS A 295 1.98 -12.77 -20.60
N LYS A 296 2.16 -12.16 -19.44
CA LYS A 296 2.20 -12.85 -18.15
C LYS A 296 1.27 -12.25 -17.14
N THR A 297 1.01 -12.99 -16.09
CA THR A 297 0.30 -12.44 -14.94
C THR A 297 1.31 -11.54 -14.20
N ILE A 298 0.79 -10.75 -13.30
CA ILE A 298 1.64 -9.92 -12.45
C ILE A 298 2.57 -10.80 -11.63
N GLU A 299 2.05 -11.91 -11.14
CA GLU A 299 2.88 -12.92 -10.48
C GLU A 299 4.05 -13.38 -11.36
N GLY A 300 3.76 -13.69 -12.62
CA GLY A 300 4.78 -14.01 -13.63
C GLY A 300 5.88 -12.97 -13.70
N TYR A 301 5.52 -11.70 -13.71
CA TYR A 301 6.53 -10.65 -13.82
C TYR A 301 7.33 -10.53 -12.55
N LEU A 302 6.71 -10.77 -11.39
CA LEU A 302 7.48 -10.73 -10.15
C LEU A 302 8.54 -11.81 -10.15
N LYS A 303 8.22 -12.96 -10.73
CA LYS A 303 9.12 -14.09 -10.69
C LYS A 303 10.17 -14.06 -11.77
N SER A 304 10.03 -13.18 -12.77
CA SER A 304 10.98 -13.13 -13.89
C SER A 304 11.68 -11.80 -14.13
N ASN A 305 11.07 -10.68 -13.74
CA ASN A 305 11.58 -9.34 -14.04
C ASN A 305 11.72 -8.35 -12.83
N VAL A 306 11.17 -8.69 -11.66
CA VAL A 306 11.26 -7.82 -10.51
C VAL A 306 12.14 -8.46 -9.45
N LEU A 307 12.89 -7.60 -8.78
CA LEU A 307 13.81 -7.98 -7.76
C LEU A 307 13.52 -7.14 -6.53
N VAL A 308 13.66 -7.74 -5.35
CA VAL A 308 13.29 -7.07 -4.13
C VAL A 308 14.43 -7.03 -3.10
N THR A 309 14.55 -5.93 -2.38
CA THR A 309 15.40 -5.89 -1.19
C THR A 309 14.53 -5.71 0.03
N ASN A 310 15.09 -5.94 1.21
CA ASN A 310 14.37 -5.73 2.47
C ASN A 310 14.75 -4.42 3.13
N SER A 311 15.18 -3.42 2.36
CA SER A 311 15.51 -2.14 2.96
C SER A 311 14.39 -1.66 3.85
N GLY A 312 14.74 -1.31 5.08
CA GLY A 312 13.77 -0.85 6.06
C GLY A 312 12.90 -1.90 6.71
N VAL A 313 13.11 -3.18 6.36
CA VAL A 313 12.19 -4.23 6.78
C VAL A 313 13.07 -5.37 7.28
N ALA A 314 13.67 -5.16 8.44
CA ALA A 314 14.47 -6.19 9.06
C ALA A 314 13.57 -7.13 9.88
N TRP A 315 12.73 -7.88 9.17
CA TRP A 315 11.64 -8.57 9.82
C TRP A 315 11.42 -9.89 9.15
N GLU A 316 11.78 -10.95 9.86
CA GLU A 316 11.80 -12.30 9.31
C GLU A 316 10.49 -12.73 8.61
N PRO A 317 9.33 -12.54 9.25
CA PRO A 317 8.09 -13.00 8.58
C PRO A 317 7.88 -12.42 7.20
N ALA A 318 8.15 -11.13 7.03
CA ALA A 318 7.94 -10.48 5.77
C ALA A 318 8.98 -10.94 4.76
N ILE A 319 10.21 -11.09 5.22
CA ILE A 319 11.25 -11.59 4.31
C ILE A 319 10.91 -12.98 3.77
N LYS A 320 10.51 -13.87 4.68
CA LYS A 320 10.17 -15.24 4.31
C LYS A 320 8.94 -15.30 3.41
N PHE A 321 7.97 -14.41 3.66
CA PHE A 321 6.77 -14.36 2.82
C PHE A 321 7.16 -14.01 1.39
N CYS A 322 7.99 -12.98 1.28
CA CYS A 322 8.47 -12.52 0.01
C CYS A 322 9.32 -13.55 -0.74
N GLN A 323 10.19 -14.24 -0.01
CA GLN A 323 10.96 -15.34 -0.59
C GLN A 323 10.06 -16.42 -1.17
N GLN A 324 9.02 -16.75 -0.41
CA GLN A 324 8.03 -17.74 -0.83
C GLN A 324 7.28 -17.34 -2.10
N VAL A 325 6.89 -16.07 -2.17
CA VAL A 325 6.11 -15.57 -3.28
C VAL A 325 6.93 -15.32 -4.56
N MET A 326 8.11 -14.73 -4.44
CA MET A 326 8.86 -14.41 -5.62
C MET A 326 9.99 -15.37 -5.91
N GLY A 327 10.36 -16.20 -4.95
CA GLY A 327 11.53 -17.05 -5.07
C GLY A 327 12.67 -16.47 -4.23
N GLU A 328 13.36 -17.34 -3.50
CA GLU A 328 14.46 -16.89 -2.63
C GLU A 328 15.67 -16.32 -3.39
N ASP A 329 15.75 -16.58 -4.69
CA ASP A 329 16.78 -16.00 -5.55
C ASP A 329 16.59 -14.53 -5.91
N ARG A 330 15.39 -14.02 -5.65
CA ARG A 330 14.98 -12.69 -6.05
C ARG A 330 14.80 -11.69 -4.90
N VAL A 331 15.21 -12.08 -3.70
CA VAL A 331 15.13 -11.26 -2.48
C VAL A 331 16.55 -11.05 -1.91
N MET A 332 16.96 -9.80 -1.70
CA MET A 332 18.32 -9.44 -1.23
C MET A 332 18.33 -8.59 0.01
N TYR A 333 19.41 -8.70 0.76
CA TYR A 333 19.66 -7.85 1.91
C TYR A 333 19.99 -6.41 1.49
N ALA A 334 19.40 -5.46 2.22
CA ALA A 334 19.76 -4.04 2.15
C ALA A 334 19.62 -3.44 3.55
N MET A 335 20.53 -2.51 3.90
CA MET A 335 20.48 -1.86 5.22
C MET A 335 19.67 -0.57 5.18
N ASN A 336 19.68 0.14 4.05
CA ASN A 336 19.11 1.49 4.00
C ASN A 336 19.96 2.51 4.83
N TYR A 337 21.29 2.33 4.87
CA TYR A 337 22.19 3.31 5.51
C TYR A 337 22.13 4.61 4.73
N PRO A 338 22.05 5.76 5.41
CA PRO A 338 22.06 5.98 6.87
C PRO A 338 20.68 6.21 7.50
N TYR A 339 19.63 6.05 6.71
CA TYR A 339 18.29 6.28 7.21
C TYR A 339 17.90 5.25 8.28
N GLN A 340 18.52 4.08 8.22
CA GLN A 340 18.18 2.98 9.12
C GLN A 340 19.41 2.14 9.39
N TYR A 341 20.31 2.70 10.20
CA TYR A 341 21.56 2.08 10.56
C TYR A 341 21.48 1.53 11.99
N VAL A 342 21.23 0.23 12.10
CA VAL A 342 20.88 -0.39 13.39
C VAL A 342 21.60 -1.71 13.47
N ALA A 343 22.67 -1.75 14.27
CA ALA A 343 23.42 -3.00 14.46
C ALA A 343 22.52 -4.18 14.82
N ASP A 344 21.52 -3.95 15.67
CA ASP A 344 20.61 -5.03 16.07
C ASP A 344 19.75 -5.59 14.92
N GLU A 345 19.49 -4.81 13.87
CA GLU A 345 18.84 -5.32 12.65
C GLU A 345 19.75 -6.30 11.92
N VAL A 346 21.03 -5.97 11.80
CA VAL A 346 21.96 -6.92 11.21
C VAL A 346 21.99 -8.21 12.03
N ARG A 347 22.04 -8.12 13.36
CA ARG A 347 22.02 -9.33 14.20
C ARG A 347 20.76 -10.16 13.97
N ALA A 348 19.62 -9.49 13.89
CA ALA A 348 18.36 -10.18 13.64
C ALA A 348 18.36 -10.90 12.29
N MET A 349 18.95 -10.29 11.27
CA MET A 349 19.03 -10.90 9.97
C MET A 349 19.97 -12.12 10.00
N ASP A 350 21.10 -11.99 10.68
CA ASP A 350 22.03 -13.12 10.81
C ASP A 350 21.37 -14.30 11.56
N ALA A 351 20.41 -14.02 12.43
CA ALA A 351 19.84 -15.06 13.29
C ALA A 351 18.56 -15.70 12.71
N MET A 352 18.15 -15.30 11.52
CA MET A 352 16.90 -15.81 10.94
C MET A 352 16.91 -17.31 10.78
N ASP A 353 15.73 -17.89 10.93
CA ASP A 353 15.55 -19.34 10.79
C ASP A 353 15.48 -19.74 9.31
N MET A 354 16.64 -19.83 8.69
CA MET A 354 16.80 -20.12 7.28
C MET A 354 17.97 -21.06 7.16
N SER A 355 18.00 -21.83 6.09
CA SER A 355 19.15 -22.66 5.82
C SER A 355 20.36 -21.74 5.56
N ALA A 356 21.56 -22.28 5.79
CA ALA A 356 22.80 -21.59 5.48
C ALA A 356 22.83 -21.18 3.99
N GLN A 357 22.29 -22.03 3.13
CA GLN A 357 22.26 -21.80 1.69
C GLN A 357 21.34 -20.63 1.33
N THR A 358 20.15 -20.60 1.92
CA THR A 358 19.22 -19.46 1.75
C THR A 358 19.83 -18.15 2.25
N LYS A 359 20.40 -18.20 3.45
CA LYS A 359 21.03 -17.04 4.04
C LYS A 359 22.13 -16.46 3.13
N LYS A 360 22.97 -17.33 2.55
CA LYS A 360 24.03 -16.89 1.65
C LYS A 360 23.53 -16.22 0.37
N LYS A 361 22.42 -16.71 -0.17
CA LYS A 361 21.79 -16.08 -1.31
C LYS A 361 21.31 -14.69 -0.90
N PHE A 362 20.65 -14.62 0.23
CA PHE A 362 20.01 -13.36 0.68
C PHE A 362 21.06 -12.27 0.96
N PHE A 363 22.14 -12.63 1.63
CA PHE A 363 23.15 -11.65 2.02
C PHE A 363 24.17 -11.35 0.92
N GLN A 364 24.44 -12.30 0.04
CA GLN A 364 25.60 -12.23 -0.85
C GLN A 364 25.31 -12.58 -2.30
N THR A 365 24.93 -13.83 -2.55
CA THR A 365 25.02 -14.34 -3.91
C THR A 365 23.92 -13.88 -4.85
N ASN A 366 22.73 -13.55 -4.34
CA ASN A 366 21.75 -12.95 -5.21
C ASN A 366 22.27 -11.62 -5.72
N ALA A 367 22.85 -10.81 -4.83
CA ALA A 367 23.40 -9.51 -5.25
C ALA A 367 24.52 -9.67 -6.28
N GLU A 368 25.39 -10.64 -6.06
CA GLU A 368 26.48 -10.90 -6.98
C GLU A 368 25.96 -11.24 -8.35
N LYS A 369 24.92 -12.06 -8.40
CA LYS A 369 24.27 -12.36 -9.67
C LYS A 369 23.63 -11.14 -10.32
N TRP A 370 22.72 -10.51 -9.61
CA TRP A 370 21.83 -9.53 -10.23
C TRP A 370 22.51 -8.21 -10.56
N PHE A 371 23.52 -7.85 -9.77
CA PHE A 371 24.32 -6.65 -10.03
C PHE A 371 25.58 -6.96 -10.84
N LYS A 372 25.84 -8.24 -11.16
CA LYS A 372 27.03 -8.66 -11.90
C LYS A 372 28.32 -8.17 -11.24
N LEU A 373 28.45 -8.51 -9.97
CA LEU A 373 29.59 -8.12 -9.17
C LEU A 373 30.77 -9.01 -9.47
N GLN B 25 -15.80 -31.00 -5.16
CA GLN B 25 -15.77 -30.37 -3.81
C GLN B 25 -17.03 -29.52 -3.62
N ASP B 26 -17.99 -30.04 -2.88
CA ASP B 26 -19.32 -29.43 -2.82
C ASP B 26 -19.37 -28.35 -1.75
N LEU B 27 -20.08 -27.27 -2.06
CA LEU B 27 -20.23 -26.15 -1.16
C LEU B 27 -21.68 -26.15 -0.67
N LYS B 28 -21.86 -26.49 0.60
CA LYS B 28 -23.17 -26.69 1.17
C LYS B 28 -23.36 -25.75 2.35
N THR B 29 -24.58 -25.22 2.49
CA THR B 29 -24.95 -24.54 3.71
C THR B 29 -25.18 -25.59 4.82
N GLY B 30 -25.20 -25.15 6.07
CA GLY B 30 -25.58 -26.02 7.16
C GLY B 30 -24.48 -26.37 8.13
N GLY B 31 -23.23 -26.11 7.75
CA GLY B 31 -22.09 -26.31 8.64
C GLY B 31 -21.65 -27.76 8.84
N GLU B 32 -22.00 -28.63 7.91
CA GLU B 32 -21.63 -30.04 8.00
C GLU B 32 -20.11 -30.23 7.95
N GLN B 33 -19.40 -29.34 7.27
CA GLN B 33 -17.93 -29.39 7.29
C GLN B 33 -17.25 -28.97 8.61
N GLY B 34 -18.04 -28.55 9.61
CA GLY B 34 -17.49 -28.23 10.93
C GLY B 34 -17.58 -26.78 11.36
N TYR B 35 -18.07 -25.92 10.47
CA TYR B 35 -18.24 -24.49 10.76
C TYR B 35 -19.31 -23.92 9.86
N LEU B 36 -19.94 -22.81 10.26
CA LEU B 36 -20.75 -22.05 9.32
C LEU B 36 -19.82 -21.13 8.55
N ARG B 37 -20.15 -20.85 7.30
CA ARG B 37 -19.47 -19.82 6.54
C ARG B 37 -20.23 -18.52 6.73
N ILE B 38 -19.63 -17.65 7.53
CA ILE B 38 -20.13 -16.28 7.71
C ILE B 38 -19.28 -15.30 6.87
N ALA B 39 -19.88 -14.74 5.84
CA ALA B 39 -19.22 -13.79 4.97
C ALA B 39 -19.41 -12.35 5.49
N THR B 40 -18.32 -11.72 5.92
CA THR B 40 -18.40 -10.47 6.67
C THR B 40 -18.30 -9.14 5.91
N GLU B 41 -18.16 -9.16 4.60
CA GLU B 41 -18.09 -7.88 3.82
C GLU B 41 -18.85 -7.97 2.50
N GLU B 42 -20.18 -7.89 2.57
CA GLU B 42 -21.02 -8.20 1.43
C GLU B 42 -21.88 -6.98 1.11
N ALA B 43 -21.99 -6.63 -0.17
CA ALA B 43 -22.57 -5.35 -0.58
C ALA B 43 -23.98 -5.46 -1.19
N PHE B 44 -24.76 -4.39 -0.99
CA PHE B 44 -25.99 -4.17 -1.73
C PHE B 44 -26.09 -2.71 -2.18
N ALA B 45 -27.02 -2.43 -3.08
CA ALA B 45 -27.23 -1.08 -3.56
C ALA B 45 -28.71 -0.78 -3.51
N THR B 46 -29.06 0.50 -3.55
CA THR B 46 -30.44 0.89 -3.77
C THR B 46 -30.52 1.68 -5.06
N ARG B 47 -31.61 1.46 -5.76
CA ARG B 47 -31.80 2.06 -7.08
C ARG B 47 -31.75 3.59 -6.95
N GLU B 48 -32.33 4.11 -5.87
CA GLU B 48 -32.45 5.55 -5.69
CA GLU B 48 -32.44 5.56 -5.73
C GLU B 48 -31.06 6.19 -5.55
N ILE B 49 -30.18 5.52 -4.81
CA ILE B 49 -28.80 6.03 -4.64
C ILE B 49 -27.95 5.96 -5.91
N ILE B 50 -28.05 4.86 -6.66
CA ILE B 50 -27.31 4.75 -7.91
CA ILE B 50 -27.33 4.75 -7.92
C ILE B 50 -27.80 5.85 -8.87
N ASP B 51 -29.10 6.12 -8.86
CA ASP B 51 -29.66 7.20 -9.67
C ASP B 51 -29.09 8.56 -9.31
N VAL B 52 -28.85 8.84 -8.03
CA VAL B 52 -28.19 10.06 -7.60
C VAL B 52 -26.75 10.08 -8.17
N TYR B 53 -26.03 8.96 -8.11
CA TYR B 53 -24.67 8.97 -8.70
C TYR B 53 -24.75 9.34 -10.21
N LEU B 54 -25.71 8.76 -10.93
CA LEU B 54 -25.84 9.03 -12.36
C LEU B 54 -26.17 10.49 -12.61
N ARG B 55 -27.00 11.06 -11.76
CA ARG B 55 -27.32 12.49 -11.84
C ARG B 55 -26.08 13.33 -11.61
N MET B 56 -25.32 13.01 -10.57
CA MET B 56 -24.09 13.73 -10.29
C MET B 56 -23.09 13.63 -11.43
N ILE B 57 -22.97 12.46 -12.05
CA ILE B 57 -22.08 12.32 -13.21
C ILE B 57 -22.57 13.21 -14.40
N ARG B 58 -23.88 13.18 -14.66
CA ARG B 58 -24.43 13.96 -15.76
CA ARG B 58 -24.52 13.97 -15.74
C ARG B 58 -24.35 15.47 -15.54
N ASP B 59 -24.50 15.94 -14.30
CA ASP B 59 -24.48 17.37 -14.06
C ASP B 59 -23.11 17.94 -13.66
N GLY B 60 -22.09 17.09 -13.62
CA GLY B 60 -20.72 17.51 -13.36
C GLY B 60 -20.34 17.75 -11.91
N THR B 61 -21.14 17.25 -10.96
CA THR B 61 -20.82 17.42 -9.52
C THR B 61 -20.17 16.18 -8.91
N ALA B 62 -20.18 15.08 -9.66
CA ALA B 62 -19.43 13.87 -9.28
C ALA B 62 -17.95 14.16 -9.27
N ASP B 63 -17.26 13.66 -8.25
CA ASP B 63 -15.79 13.72 -8.24
C ASP B 63 -15.19 12.70 -9.22
N LYS B 64 -13.89 12.73 -9.43
CA LYS B 64 -13.28 11.87 -10.45
C LYS B 64 -13.42 10.39 -10.12
N GLY B 65 -13.34 10.07 -8.82
CA GLY B 65 -13.58 8.70 -8.34
C GLY B 65 -14.95 8.15 -8.70
N MET B 66 -15.99 8.94 -8.45
CA MET B 66 -17.38 8.55 -8.75
C MET B 66 -17.58 8.36 -10.24
N VAL B 67 -17.06 9.29 -11.05
CA VAL B 67 -17.14 9.15 -12.49
C VAL B 67 -16.46 7.84 -12.93
N SER B 68 -15.28 7.56 -12.40
CA SER B 68 -14.55 6.35 -12.73
C SER B 68 -15.24 5.06 -12.30
N LEU B 69 -15.60 5.00 -11.02
CA LEU B 69 -16.18 3.79 -10.43
C LEU B 69 -17.63 3.55 -10.87
N TRP B 70 -18.50 4.54 -10.66
CA TRP B 70 -19.93 4.38 -10.95
C TRP B 70 -20.30 4.70 -12.39
N GLY B 71 -19.51 5.50 -13.07
CA GLY B 71 -19.62 5.65 -14.53
C GLY B 71 -19.47 4.31 -15.23
N PHE B 72 -18.57 3.47 -14.72
CA PHE B 72 -18.44 2.10 -15.21
C PHE B 72 -19.62 1.19 -14.79
N TYR B 73 -19.87 1.03 -13.49
CA TYR B 73 -20.77 -0.03 -12.97
C TYR B 73 -22.21 0.20 -13.35
N ALA B 74 -22.58 1.47 -13.47
CA ALA B 74 -23.94 1.84 -13.85
C ALA B 74 -24.11 2.00 -15.35
N GLN B 75 -23.00 2.07 -16.11
CA GLN B 75 -23.13 2.29 -17.57
C GLN B 75 -22.41 1.35 -18.57
N SER B 76 -21.48 0.52 -18.10
CA SER B 76 -20.85 -0.49 -18.97
C SER B 76 -21.89 -1.48 -19.55
N PRO B 77 -21.82 -1.75 -20.86
CA PRO B 77 -22.78 -2.65 -21.48
C PRO B 77 -22.49 -4.14 -21.25
N SER B 78 -21.38 -4.44 -20.56
CA SER B 78 -20.97 -5.80 -20.36
C SER B 78 -21.95 -6.62 -19.52
N GLU B 79 -21.99 -7.93 -19.81
CA GLU B 79 -22.73 -8.90 -19.00
C GLU B 79 -22.31 -8.82 -17.52
N ARG B 80 -21.02 -8.69 -17.30
CA ARG B 80 -20.46 -8.66 -15.98
C ARG B 80 -20.89 -7.49 -15.09
N ALA B 81 -20.80 -6.27 -15.61
CA ALA B 81 -21.18 -5.08 -14.84
C ALA B 81 -22.67 -5.16 -14.59
N THR B 82 -23.39 -5.59 -15.61
CA THR B 82 -24.81 -5.82 -15.55
C THR B 82 -25.21 -6.81 -14.45
N GLN B 83 -24.44 -7.89 -14.29
CA GLN B 83 -24.79 -8.92 -13.28
C GLN B 83 -24.47 -8.44 -11.86
N ILE B 84 -23.41 -7.64 -11.74
CA ILE B 84 -23.01 -7.07 -10.45
C ILE B 84 -24.09 -6.10 -10.04
N LEU B 85 -24.52 -5.25 -10.94
CA LEU B 85 -25.59 -4.30 -10.62
C LEU B 85 -26.88 -5.02 -10.22
N GLU B 86 -27.29 -6.04 -10.98
CA GLU B 86 -28.49 -6.79 -10.61
C GLU B 86 -28.35 -7.49 -9.26
N ARG B 87 -27.18 -8.05 -9.00
CA ARG B 87 -26.96 -8.71 -7.74
C ARG B 87 -26.96 -7.75 -6.56
N LEU B 88 -26.30 -6.60 -6.73
CA LEU B 88 -26.29 -5.55 -5.70
C LEU B 88 -27.70 -5.15 -5.31
N LEU B 89 -28.58 -5.05 -6.28
CA LEU B 89 -29.93 -4.50 -6.01
C LEU B 89 -30.86 -5.52 -5.37
N ASP B 90 -30.53 -6.81 -5.44
CA ASP B 90 -31.38 -7.83 -4.85
C ASP B 90 -31.05 -8.06 -3.37
N LEU B 91 -32.10 -8.04 -2.55
CA LEU B 91 -31.99 -8.40 -1.12
C LEU B 91 -33.00 -9.50 -0.76
N GLY B 92 -33.14 -10.46 -1.66
CA GLY B 92 -34.13 -11.51 -1.51
C GLY B 92 -33.66 -12.81 -2.09
N GLU B 93 -34.55 -13.43 -2.86
CA GLU B 93 -34.37 -14.86 -3.24
C GLU B 93 -33.13 -15.08 -4.10
N ARG B 94 -32.79 -14.14 -4.97
CA ARG B 94 -31.64 -14.36 -5.82
C ARG B 94 -30.36 -14.36 -4.97
N ARG B 95 -30.24 -13.39 -4.07
CA ARG B 95 -29.09 -13.31 -3.17
C ARG B 95 -29.01 -14.60 -2.34
N ILE B 96 -30.15 -15.02 -1.79
CA ILE B 96 -30.18 -16.26 -1.03
C ILE B 96 -29.68 -17.43 -1.89
N ALA B 97 -30.14 -17.50 -3.14
CA ALA B 97 -29.74 -18.59 -4.02
C ALA B 97 -28.24 -18.58 -4.28
N ASP B 98 -27.68 -17.40 -4.54
CA ASP B 98 -26.24 -17.25 -4.76
C ASP B 98 -25.43 -17.66 -3.54
N MET B 99 -25.96 -17.33 -2.36
CA MET B 99 -25.36 -17.77 -1.11
C MET B 99 -25.42 -19.28 -0.98
N ASP B 100 -26.59 -19.85 -1.23
CA ASP B 100 -26.75 -21.31 -1.15
C ASP B 100 -25.80 -22.03 -2.10
N ALA B 101 -25.59 -21.48 -3.31
CA ALA B 101 -24.74 -22.10 -4.33
C ALA B 101 -23.25 -22.09 -3.97
N THR B 102 -22.88 -21.23 -3.03
CA THR B 102 -21.48 -21.14 -2.57
C THR B 102 -21.35 -21.52 -1.11
N GLY B 103 -22.38 -22.11 -0.54
CA GLY B 103 -22.31 -22.56 0.85
C GLY B 103 -22.22 -21.49 1.93
N ILE B 104 -22.63 -20.25 1.61
CA ILE B 104 -22.55 -19.14 2.54
C ILE B 104 -23.78 -19.17 3.45
N ASP B 105 -23.57 -19.41 4.73
CA ASP B 105 -24.65 -19.47 5.70
C ASP B 105 -25.21 -18.10 6.09
N LYS B 106 -24.31 -17.16 6.38
CA LYS B 106 -24.70 -15.81 6.78
CA LYS B 106 -24.72 -15.82 6.75
C LYS B 106 -23.87 -14.79 6.03
N ALA B 107 -24.51 -13.69 5.73
CA ALA B 107 -23.83 -12.55 5.09
C ALA B 107 -24.08 -11.30 5.91
N ILE B 108 -23.00 -10.59 6.20
CA ILE B 108 -23.08 -9.27 6.82
C ILE B 108 -23.06 -8.22 5.71
N LEU B 109 -24.19 -7.51 5.62
CA LEU B 109 -24.52 -6.69 4.47
C LEU B 109 -24.37 -5.21 4.75
N ALA B 110 -23.85 -4.48 3.78
CA ALA B 110 -23.70 -3.05 3.90
C ALA B 110 -23.83 -2.35 2.57
N LEU B 111 -24.34 -1.13 2.62
CA LEU B 111 -24.52 -0.32 1.42
C LEU B 111 -23.19 -0.07 0.72
N THR B 112 -23.18 -0.30 -0.59
CA THR B 112 -21.96 -0.28 -1.37
C THR B 112 -21.35 1.10 -1.46
N SER B 113 -20.02 1.12 -1.45
CA SER B 113 -19.25 2.36 -1.54
C SER B 113 -19.60 3.19 -2.79
N PRO B 114 -19.72 4.53 -2.64
CA PRO B 114 -19.42 5.39 -1.49
C PRO B 114 -20.60 5.77 -0.59
N GLY B 115 -21.71 5.06 -0.70
CA GLY B 115 -22.90 5.36 0.07
C GLY B 115 -23.45 6.72 -0.27
N VAL B 116 -23.90 7.45 0.76
CA VAL B 116 -24.39 8.81 0.56
C VAL B 116 -23.31 9.85 0.89
N GLN B 117 -22.10 9.39 1.14
CA GLN B 117 -21.00 10.26 1.59
C GLN B 117 -20.65 11.40 0.61
N PRO B 118 -20.72 11.15 -0.71
CA PRO B 118 -20.37 12.21 -1.64
C PRO B 118 -21.46 13.28 -1.87
N LEU B 119 -22.66 13.06 -1.32
CA LEU B 119 -23.80 13.92 -1.68
C LEU B 119 -23.69 15.32 -1.06
N HIS B 120 -23.99 16.32 -1.88
CA HIS B 120 -23.95 17.71 -1.46
C HIS B 120 -25.22 18.16 -0.75
N ASP B 121 -26.39 17.63 -1.13
CA ASP B 121 -27.66 17.98 -0.49
C ASP B 121 -27.83 17.09 0.72
N LEU B 122 -27.66 17.65 1.93
CA LEU B 122 -27.74 16.83 3.15
C LEU B 122 -29.10 16.30 3.48
N ASP B 123 -30.15 17.00 3.07
CA ASP B 123 -31.50 16.46 3.26
C ASP B 123 -31.63 15.15 2.46
N GLU B 124 -31.15 15.18 1.23
CA GLU B 124 -31.15 14.01 0.39
C GLU B 124 -30.27 12.90 0.98
N ALA B 125 -29.07 13.23 1.46
CA ALA B 125 -28.20 12.18 2.02
C ALA B 125 -28.83 11.49 3.23
N ARG B 126 -29.36 12.28 4.15
CA ARG B 126 -30.01 11.74 5.35
C ARG B 126 -31.26 10.92 4.94
N THR B 127 -32.06 11.44 4.03
CA THR B 127 -33.28 10.72 3.59
C THR B 127 -32.96 9.37 2.94
N LEU B 128 -31.98 9.36 2.06
CA LEU B 128 -31.64 8.15 1.33
C LEU B 128 -30.91 7.15 2.19
N ALA B 129 -30.10 7.62 3.13
CA ALA B 129 -29.44 6.73 4.11
C ALA B 129 -30.48 6.11 5.01
N THR B 130 -31.46 6.90 5.44
CA THR B 130 -32.54 6.38 6.27
C THR B 130 -33.29 5.27 5.52
N ARG B 131 -33.58 5.53 4.25
CA ARG B 131 -34.30 4.60 3.44
C ARG B 131 -33.48 3.33 3.17
N ALA B 132 -32.18 3.50 2.88
CA ALA B 132 -31.31 2.34 2.72
C ALA B 132 -31.29 1.51 3.99
N ASN B 133 -31.20 2.15 5.14
CA ASN B 133 -31.16 1.44 6.40
C ASN B 133 -32.48 0.74 6.65
N ASP B 134 -33.59 1.42 6.35
CA ASP B 134 -34.89 0.80 6.49
C ASP B 134 -35.01 -0.47 5.62
N THR B 135 -34.59 -0.37 4.37
CA THR B 135 -34.64 -1.46 3.40
C THR B 135 -33.84 -2.67 3.91
N LEU B 136 -32.65 -2.40 4.45
CA LEU B 136 -31.78 -3.43 4.93
C LEU B 136 -32.41 -4.10 6.15
N ALA B 137 -32.95 -3.30 7.06
CA ALA B 137 -33.61 -3.85 8.26
C ALA B 137 -34.80 -4.76 7.89
N ASP B 138 -35.55 -4.34 6.88
CA ASP B 138 -36.67 -5.15 6.38
C ASP B 138 -36.17 -6.49 5.82
N ALA B 139 -35.06 -6.47 5.09
CA ALA B 139 -34.49 -7.71 4.50
C ALA B 139 -33.96 -8.68 5.56
N CYS B 140 -33.27 -8.14 6.56
CA CYS B 140 -32.77 -8.95 7.67
C CYS B 140 -33.90 -9.59 8.45
N GLN B 141 -34.99 -8.85 8.62
CA GLN B 141 -36.20 -9.38 9.25
C GLN B 141 -36.80 -10.56 8.49
N LYS B 142 -36.79 -10.47 7.16
CA LYS B 142 -37.34 -11.50 6.29
C LYS B 142 -36.48 -12.78 6.27
N TYR B 143 -35.17 -12.62 6.43
CA TYR B 143 -34.19 -13.71 6.38
C TYR B 143 -33.26 -13.64 7.57
N PRO B 144 -33.80 -13.81 8.79
CA PRO B 144 -33.06 -13.52 9.98
C PRO B 144 -31.88 -14.45 10.26
N ASP B 145 -31.91 -15.64 9.66
CA ASP B 145 -30.83 -16.59 9.85
C ASP B 145 -29.77 -16.46 8.75
N ARG B 146 -30.00 -15.61 7.75
CA ARG B 146 -29.08 -15.48 6.60
C ARG B 146 -28.46 -14.10 6.45
N PHE B 147 -29.23 -13.06 6.74
CA PHE B 147 -28.78 -11.67 6.54
C PHE B 147 -28.53 -10.96 7.87
N ILE B 148 -27.39 -10.29 7.96
CA ILE B 148 -27.05 -9.46 9.13
C ILE B 148 -26.69 -8.06 8.62
N GLY B 149 -27.18 -7.02 9.28
CA GLY B 149 -27.00 -5.65 8.79
C GLY B 149 -25.94 -4.81 9.50
N MET B 150 -25.23 -4.03 8.68
CA MET B 150 -24.40 -2.92 9.12
C MET B 150 -25.01 -1.68 8.53
N GLY B 151 -25.19 -0.67 9.36
CA GLY B 151 -25.83 0.56 8.95
C GLY B 151 -24.93 1.46 8.12
N THR B 152 -25.56 2.35 7.40
CA THR B 152 -24.86 3.35 6.60
C THR B 152 -25.22 4.71 7.23
N VAL B 153 -24.29 5.68 7.19
CA VAL B 153 -24.50 7.01 7.79
C VAL B 153 -24.06 8.10 6.81
N ALA B 154 -24.14 9.35 7.25
CA ALA B 154 -23.82 10.51 6.39
C ALA B 154 -22.88 11.36 7.22
N PRO B 155 -21.58 11.03 7.21
CA PRO B 155 -20.63 11.71 8.06
C PRO B 155 -20.59 13.26 7.89
N GLN B 156 -21.00 13.77 6.73
CA GLN B 156 -21.29 15.20 6.55
C GLN B 156 -22.04 15.79 7.74
N ASP B 157 -22.89 14.96 8.37
CA ASP B 157 -23.67 15.36 9.54
C ASP B 157 -23.41 14.34 10.65
N PRO B 158 -22.34 14.55 11.43
CA PRO B 158 -21.95 13.62 12.49
C PRO B 158 -23.01 13.43 13.58
N GLU B 159 -23.74 14.48 13.93
CA GLU B 159 -24.78 14.37 14.95
C GLU B 159 -25.94 13.49 14.47
N TRP B 160 -26.39 13.68 13.23
CA TRP B 160 -27.42 12.81 12.66
C TRP B 160 -26.87 11.36 12.58
N SER B 161 -25.62 11.25 12.16
CA SER B 161 -24.98 9.94 12.05
C SER B 161 -24.97 9.22 13.39
N ALA B 162 -24.66 9.94 14.48
CA ALA B 162 -24.68 9.38 15.82
C ALA B 162 -26.07 8.90 16.18
N ARG B 163 -27.09 9.68 15.84
CA ARG B 163 -28.49 9.21 16.07
C ARG B 163 -28.81 7.97 15.26
N GLU B 164 -28.27 7.87 14.05
CA GLU B 164 -28.58 6.71 13.20
C GLU B 164 -27.86 5.45 13.67
N ILE B 165 -26.67 5.62 14.28
CA ILE B 165 -25.98 4.53 14.95
C ILE B 165 -26.86 4.00 16.08
N HIS B 166 -27.44 4.91 16.86
CA HIS B 166 -28.29 4.45 17.96
C HIS B 166 -29.53 3.77 17.41
N ARG B 167 -30.10 4.35 16.35
CA ARG B 167 -31.30 3.76 15.73
C ARG B 167 -31.02 2.36 15.15
N GLY B 168 -29.87 2.22 14.49
CA GLY B 168 -29.42 0.91 13.99
C GLY B 168 -29.36 -0.15 15.09
N ALA B 169 -28.78 0.22 16.22
CA ALA B 169 -28.58 -0.67 17.35
C ALA B 169 -29.87 -0.96 18.09
N ARG B 170 -30.73 0.05 18.23
CA ARG B 170 -31.92 0.01 19.08
CA ARG B 170 -31.92 -0.04 19.10
C ARG B 170 -33.14 -0.58 18.37
N GLU B 171 -33.37 -0.15 17.14
CA GLU B 171 -34.59 -0.51 16.43
C GLU B 171 -34.37 -1.45 15.26
N LEU B 172 -33.20 -1.39 14.63
CA LEU B 172 -33.02 -2.06 13.32
C LEU B 172 -32.29 -3.40 13.42
N GLY B 173 -31.77 -3.73 14.58
CA GLY B 173 -31.07 -5.01 14.77
C GLY B 173 -29.69 -5.06 14.12
N PHE B 174 -29.16 -3.90 13.75
CA PHE B 174 -27.85 -3.82 13.12
C PHE B 174 -26.74 -4.08 14.14
N LYS B 175 -25.59 -4.53 13.63
CA LYS B 175 -24.47 -4.95 14.45
C LYS B 175 -23.27 -3.99 14.47
N GLY B 176 -23.41 -2.89 13.75
CA GLY B 176 -22.37 -1.87 13.61
C GLY B 176 -22.67 -1.02 12.39
N ILE B 177 -21.68 -0.25 11.95
CA ILE B 177 -21.82 0.54 10.73
C ILE B 177 -20.59 0.40 9.87
N GLN B 178 -20.81 0.67 8.58
CA GLN B 178 -19.75 0.72 7.61
C GLN B 178 -19.67 2.14 7.09
N ILE B 179 -18.48 2.73 7.20
CA ILE B 179 -18.18 3.99 6.54
C ILE B 179 -17.23 3.73 5.38
N ASN B 180 -17.55 4.37 4.25
CA ASN B 180 -16.82 4.14 3.00
C ASN B 180 -15.67 5.13 2.82
N SER B 181 -14.72 4.96 3.72
CA SER B 181 -13.56 5.81 3.87
C SER B 181 -13.90 7.33 3.90
N HIS B 182 -13.21 8.15 3.12
CA HIS B 182 -13.37 9.60 3.24
C HIS B 182 -14.78 10.08 2.91
N THR B 183 -15.12 11.24 3.45
CA THR B 183 -16.32 11.96 3.06
C THR B 183 -15.89 13.27 2.45
N GLN B 184 -15.98 13.31 1.12
CA GLN B 184 -15.67 14.52 0.34
C GLN B 184 -14.27 15.06 0.67
N GLY B 185 -13.33 14.14 0.78
CA GLY B 185 -11.93 14.46 1.04
C GLY B 185 -11.57 14.74 2.48
N ARG B 186 -12.50 14.51 3.40
CA ARG B 186 -12.30 14.72 4.82
C ARG B 186 -12.26 13.37 5.54
N TYR B 187 -11.35 13.23 6.51
CA TYR B 187 -11.07 11.94 7.11
C TYR B 187 -11.49 11.93 8.57
N LEU B 188 -11.66 10.74 9.11
CA LEU B 188 -12.32 10.58 10.43
C LEU B 188 -11.46 10.95 11.62
N ASP B 189 -10.15 11.12 11.42
CA ASP B 189 -9.28 11.66 12.47
C ASP B 189 -9.56 13.15 12.82
N GLU B 190 -10.38 13.82 12.02
CA GLU B 190 -10.78 15.19 12.34
C GLU B 190 -11.73 15.19 13.54
N GLU B 191 -11.58 16.17 14.43
CA GLU B 191 -12.40 16.21 15.63
C GLU B 191 -13.86 16.41 15.30
N PHE B 192 -14.13 17.04 14.15
CA PHE B 192 -15.47 17.20 13.63
C PHE B 192 -16.31 15.92 13.64
N PHE B 193 -15.66 14.77 13.38
CA PHE B 193 -16.37 13.49 13.28
C PHE B 193 -16.53 12.74 14.61
N ASP B 194 -16.05 13.32 15.70
CA ASP B 194 -16.05 12.62 16.97
C ASP B 194 -17.41 12.09 17.42
N PRO B 195 -18.53 12.81 17.13
CA PRO B 195 -19.79 12.22 17.59
C PRO B 195 -20.03 10.79 17.12
N ILE B 196 -19.52 10.43 15.94
CA ILE B 196 -19.66 9.07 15.40
C ILE B 196 -18.97 8.06 16.28
N PHE B 197 -17.75 8.35 16.69
CA PHE B 197 -17.04 7.43 17.56
C PHE B 197 -17.66 7.33 18.97
N ARG B 198 -18.14 8.47 19.45
CA ARG B 198 -18.81 8.56 20.72
C ARG B 198 -19.99 7.60 20.73
N ALA B 199 -20.80 7.67 19.68
CA ALA B 199 -21.96 6.81 19.50
C ALA B 199 -21.60 5.33 19.36
N LEU B 200 -20.56 5.02 18.58
CA LEU B 200 -20.14 3.60 18.45
C LEU B 200 -19.75 3.00 19.79
N VAL B 201 -19.06 3.79 20.62
CA VAL B 201 -18.68 3.31 21.93
C VAL B 201 -19.87 3.22 22.87
N GLU B 202 -20.82 4.14 22.76
CA GLU B 202 -22.05 4.06 23.55
C GLU B 202 -22.86 2.79 23.25
N VAL B 203 -22.97 2.41 21.98
CA VAL B 203 -23.64 1.16 21.62
C VAL B 203 -22.71 -0.06 21.60
N ASP B 204 -21.40 0.18 21.81
CA ASP B 204 -20.39 -0.89 21.83
C ASP B 204 -20.38 -1.69 20.53
N GLN B 205 -20.26 -1.01 19.40
CA GLN B 205 -20.31 -1.70 18.12
C GLN B 205 -19.10 -1.33 17.33
N PRO B 206 -18.67 -2.22 16.43
CA PRO B 206 -17.48 -1.96 15.63
C PRO B 206 -17.79 -1.08 14.44
N LEU B 207 -16.76 -0.42 13.94
CA LEU B 207 -16.79 0.34 12.70
C LEU B 207 -16.05 -0.43 11.64
N TYR B 208 -16.70 -0.65 10.50
CA TYR B 208 -16.00 -1.21 9.32
C TYR B 208 -15.62 -0.04 8.43
N ILE B 209 -14.33 0.16 8.18
CA ILE B 209 -13.90 1.15 7.20
C ILE B 209 -13.67 0.42 5.86
N HIS B 210 -14.61 0.62 4.97
CA HIS B 210 -14.62 0.01 3.68
C HIS B 210 -14.00 1.02 2.68
N PRO B 211 -13.42 0.52 1.58
CA PRO B 211 -12.75 1.48 0.68
C PRO B 211 -13.66 2.41 -0.09
N ALA B 212 -13.04 3.43 -0.63
CA ALA B 212 -13.64 4.24 -1.63
C ALA B 212 -12.53 4.71 -2.55
N THR B 213 -12.92 5.22 -3.72
CA THR B 213 -11.98 5.94 -4.58
C THR B 213 -11.38 7.10 -3.78
N SER B 214 -10.12 7.40 -4.04
CA SER B 214 -9.46 8.55 -3.42
C SER B 214 -10.18 9.85 -3.81
N PRO B 215 -10.08 10.85 -2.94
CA PRO B 215 -10.63 12.16 -3.30
C PRO B 215 -9.84 12.80 -4.42
N ASP B 216 -10.40 13.87 -4.98
CA ASP B 216 -9.78 14.58 -6.13
C ASP B 216 -8.36 15.07 -5.83
N SER B 217 -8.11 15.37 -4.56
CA SER B 217 -6.80 15.85 -4.11
C SER B 217 -5.69 14.82 -4.22
N MET B 218 -6.05 13.56 -4.39
CA MET B 218 -5.08 12.51 -4.41
C MET B 218 -5.16 11.55 -5.61
N ILE B 219 -6.26 11.55 -6.34
CA ILE B 219 -6.55 10.47 -7.28
C ILE B 219 -5.77 10.48 -8.61
N ASP B 220 -5.31 11.66 -9.06
CA ASP B 220 -4.94 11.80 -10.49
C ASP B 220 -3.93 10.80 -11.04
N PRO B 221 -2.74 10.64 -10.40
CA PRO B 221 -1.82 9.65 -10.96
C PRO B 221 -2.34 8.21 -11.00
N MET B 222 -3.18 7.82 -10.04
CA MET B 222 -3.74 6.47 -10.09
C MET B 222 -4.78 6.34 -11.21
N LEU B 223 -5.63 7.33 -11.32
CA LEU B 223 -6.73 7.34 -12.29
C LEU B 223 -6.20 7.22 -13.73
N GLU B 224 -5.14 7.97 -14.02
CA GLU B 224 -4.55 7.96 -15.35
C GLU B 224 -3.98 6.60 -15.74
N ALA B 225 -3.54 5.80 -14.77
CA ALA B 225 -2.97 4.47 -15.07
C ALA B 225 -4.01 3.34 -14.95
N GLY B 226 -5.25 3.67 -14.58
CA GLY B 226 -6.25 2.64 -14.31
C GLY B 226 -6.18 1.97 -12.95
N LEU B 227 -5.52 2.63 -12.00
CA LEU B 227 -5.18 2.05 -10.71
C LEU B 227 -5.96 2.65 -9.54
N ASP B 228 -6.95 3.47 -9.85
CA ASP B 228 -7.72 4.16 -8.79
C ASP B 228 -8.70 3.27 -7.99
N GLY B 229 -9.07 2.13 -8.56
CA GLY B 229 -10.10 1.27 -7.98
C GLY B 229 -9.54 0.16 -7.12
N ALA B 230 -10.21 -0.98 -7.13
CA ALA B 230 -9.89 -2.08 -6.20
C ALA B 230 -8.47 -2.65 -6.38
N ILE B 231 -7.92 -2.53 -7.57
CA ILE B 231 -6.54 -2.98 -7.82
C ILE B 231 -5.45 -2.37 -6.93
N PHE B 232 -5.67 -1.14 -6.51
CA PHE B 232 -4.61 -0.37 -5.84
C PHE B 232 -5.11 0.82 -5.02
N GLY B 233 -5.84 1.73 -5.68
CA GLY B 233 -6.30 2.96 -5.07
C GLY B 233 -7.12 2.73 -3.82
N PHE B 234 -8.01 1.74 -3.86
CA PHE B 234 -8.76 1.33 -2.68
C PHE B 234 -7.86 1.05 -1.46
N GLY B 235 -6.81 0.27 -1.63
CA GLY B 235 -5.95 -0.09 -0.51
C GLY B 235 -5.16 1.08 0.02
N VAL B 236 -4.76 1.96 -0.88
CA VAL B 236 -4.05 3.18 -0.48
C VAL B 236 -4.94 4.06 0.38
N GLU B 237 -6.14 4.36 -0.12
CA GLU B 237 -7.13 5.23 0.56
C GLU B 237 -7.46 4.66 1.92
N THR B 238 -7.76 3.36 1.96
CA THR B 238 -8.25 2.75 3.19
C THR B 238 -7.13 2.55 4.20
N GLY B 239 -5.98 2.07 3.74
CA GLY B 239 -4.81 1.98 4.60
C GLY B 239 -4.40 3.30 5.15
N MET B 240 -4.38 4.33 4.30
CA MET B 240 -4.11 5.68 4.77
C MET B 240 -5.06 6.11 5.88
N HIS B 241 -6.33 5.88 5.67
CA HIS B 241 -7.33 6.34 6.60
C HIS B 241 -7.17 5.65 7.95
N LEU B 242 -6.99 4.32 7.95
CA LEU B 242 -6.86 3.58 9.21
C LEU B 242 -5.55 3.99 9.90
N LEU B 243 -4.50 4.19 9.12
CA LEU B 243 -3.24 4.62 9.69
C LEU B 243 -3.36 6.00 10.36
N ARG B 244 -4.07 6.90 9.69
CA ARG B 244 -4.33 8.24 10.21
C ARG B 244 -5.05 8.14 11.56
N LEU B 245 -6.02 7.26 11.65
CA LEU B 245 -6.79 7.07 12.88
C LEU B 245 -5.96 6.49 14.00
N ILE B 246 -5.10 5.54 13.67
CA ILE B 246 -4.21 4.96 14.67
C ILE B 246 -3.28 6.04 15.23
N THR B 247 -2.68 6.81 14.32
CA THR B 247 -1.66 7.74 14.68
C THR B 247 -2.18 9.03 15.31
N ILE B 248 -3.47 9.32 15.16
CA ILE B 248 -4.03 10.45 15.87
C ILE B 248 -4.33 10.05 17.32
N GLY B 249 -4.22 8.76 17.62
CA GLY B 249 -4.53 8.22 18.94
C GLY B 249 -5.98 7.86 19.19
N ILE B 250 -6.74 7.45 18.16
CA ILE B 250 -8.18 7.19 18.34
C ILE B 250 -8.42 6.10 19.39
N PHE B 251 -7.51 5.13 19.46
CA PHE B 251 -7.63 4.02 20.39
C PHE B 251 -7.13 4.33 21.81
N ASP B 252 -6.40 5.43 21.97
CA ASP B 252 -6.15 5.97 23.33
C ASP B 252 -7.38 6.71 23.84
N LYS B 253 -8.02 7.45 22.94
CA LYS B 253 -9.23 8.17 23.28
C LYS B 253 -10.38 7.19 23.51
N TYR B 254 -10.43 6.11 22.72
CA TYR B 254 -11.52 5.15 22.76
C TYR B 254 -10.97 3.73 22.79
N PRO B 255 -10.51 3.28 23.97
CA PRO B 255 -9.83 2.00 24.09
C PRO B 255 -10.70 0.79 23.78
N SER B 256 -12.02 0.92 23.88
CA SER B 256 -12.90 -0.21 23.59
C SER B 256 -13.25 -0.32 22.09
N LEU B 257 -12.98 0.73 21.31
CA LEU B 257 -13.36 0.80 19.90
C LEU B 257 -12.65 -0.26 19.07
N GLN B 258 -13.44 -0.98 18.29
CA GLN B 258 -12.90 -1.90 17.29
C GLN B 258 -13.16 -1.38 15.87
N ILE B 259 -12.10 -1.31 15.08
CA ILE B 259 -12.21 -0.97 13.66
C ILE B 259 -11.81 -2.18 12.82
N MET B 260 -12.73 -2.57 11.94
CA MET B 260 -12.54 -3.66 10.98
C MET B 260 -12.19 -3.05 9.60
N VAL B 261 -11.20 -3.67 8.94
CA VAL B 261 -10.89 -3.39 7.54
C VAL B 261 -10.78 -4.71 6.77
N GLY B 262 -10.97 -4.62 5.45
CA GLY B 262 -10.95 -5.79 4.59
C GLY B 262 -9.63 -5.93 3.89
N HIS B 263 -9.60 -6.77 2.87
CA HIS B 263 -8.45 -6.87 1.98
C HIS B 263 -7.17 -7.13 2.73
N MET B 264 -7.28 -8.01 3.72
CA MET B 264 -6.12 -8.48 4.47
C MET B 264 -5.40 -7.34 5.20
N GLY B 265 -6.20 -6.35 5.61
CA GLY B 265 -5.75 -5.21 6.41
C GLY B 265 -5.11 -4.06 5.62
N GLU B 266 -5.41 -4.00 4.31
CA GLU B 266 -4.95 -2.95 3.44
C GLU B 266 -3.42 -2.77 3.55
N ALA B 267 -2.73 -3.91 3.62
CA ALA B 267 -1.25 -4.03 3.63
C ALA B 267 -0.58 -3.61 4.93
N LEU B 268 -1.34 -3.05 5.86
CA LEU B 268 -0.72 -2.56 7.10
C LEU B 268 -0.01 -3.66 7.88
N PRO B 269 -0.57 -4.90 7.91
CA PRO B 269 0.17 -5.96 8.58
C PRO B 269 1.51 -6.28 7.96
N TYR B 270 1.60 -6.20 6.64
CA TYR B 270 2.87 -6.47 5.98
C TYR B 270 3.85 -5.33 6.17
N TRP B 271 3.32 -4.11 6.20
CA TRP B 271 4.14 -2.95 6.43
C TRP B 271 4.49 -2.72 7.89
N LEU B 272 4.04 -3.58 8.80
CA LEU B 272 4.09 -3.26 10.22
C LEU B 272 5.45 -2.88 10.78
N TYR B 273 6.48 -3.64 10.45
CA TYR B 273 7.81 -3.31 10.97
C TYR B 273 8.21 -1.87 10.60
N ARG B 274 8.06 -1.51 9.32
CA ARG B 274 8.39 -0.18 8.85
C ARG B 274 7.48 0.93 9.41
N LEU B 275 6.18 0.65 9.53
CA LEU B 275 5.22 1.58 10.13
C LEU B 275 5.69 1.96 11.55
N ASP B 276 6.01 0.97 12.37
CA ASP B 276 6.41 1.23 13.75
C ASP B 276 7.79 1.88 13.82
N TYR B 277 8.73 1.40 13.01
CA TYR B 277 10.05 2.00 12.97
C TYR B 277 9.94 3.46 12.59
N MET B 278 9.22 3.79 11.52
CA MET B 278 9.24 5.18 11.03
C MET B 278 8.34 6.07 11.88
N HIS B 279 7.29 5.48 12.45
CA HIS B 279 6.44 6.23 13.36
C HIS B 279 7.21 6.67 14.60
N GLN B 280 7.94 5.76 15.23
CA GLN B 280 8.84 6.07 16.36
C GLN B 280 9.94 7.06 15.97
N ALA B 281 10.59 6.88 14.82
CA ALA B 281 11.58 7.87 14.34
C ALA B 281 11.00 9.29 14.18
N GLY B 282 9.80 9.41 13.61
CA GLY B 282 9.18 10.71 13.48
C GLY B 282 8.88 11.37 14.82
N VAL B 283 8.29 10.62 15.73
CA VAL B 283 7.94 11.13 17.06
C VAL B 283 9.19 11.60 17.81
N ARG B 284 10.22 10.76 17.84
CA ARG B 284 11.46 11.06 18.54
C ARG B 284 12.21 12.26 17.95
N SER B 285 12.08 12.50 16.65
CA SER B 285 12.75 13.65 16.02
C SER B 285 11.85 14.89 15.95
N GLN B 286 10.68 14.79 16.58
CA GLN B 286 9.63 15.81 16.55
C GLN B 286 9.41 16.40 15.17
N ARG B 287 9.26 15.51 14.20
CA ARG B 287 9.12 15.92 12.82
C ARG B 287 7.77 16.58 12.54
N TYR B 288 6.68 15.97 13.02
CA TYR B 288 5.33 16.48 12.74
C TYR B 288 4.57 16.76 14.04
N GLU B 289 4.03 17.98 14.18
CA GLU B 289 3.22 18.37 15.34
C GLU B 289 2.03 17.42 15.54
N ARG B 290 1.48 16.99 14.42
CA ARG B 290 0.35 16.10 14.37
C ARG B 290 0.64 14.72 15.00
N MET B 291 1.86 14.21 14.78
CA MET B 291 2.36 12.93 15.34
C MET B 291 2.92 12.98 16.76
N LYS B 292 2.08 12.65 17.73
CA LYS B 292 2.42 12.68 19.13
C LYS B 292 2.58 11.27 19.71
N PRO B 293 3.34 11.15 20.83
CA PRO B 293 3.50 9.84 21.46
C PRO B 293 2.16 9.14 21.75
N LEU B 294 2.12 7.84 21.50
CA LEU B 294 0.92 7.05 21.69
C LEU B 294 1.18 6.11 22.85
N LYS B 295 0.13 5.61 23.47
CA LYS B 295 0.28 4.65 24.58
C LYS B 295 0.75 3.27 24.15
N LYS B 296 0.52 2.89 22.88
CA LYS B 296 0.94 1.57 22.39
C LYS B 296 1.68 1.74 21.09
N THR B 297 2.38 0.69 20.66
CA THR B 297 2.93 0.66 19.32
C THR B 297 1.80 0.43 18.34
N ILE B 298 2.03 0.67 17.06
CA ILE B 298 1.04 0.32 16.04
C ILE B 298 0.74 -1.18 16.07
N GLU B 299 1.77 -2.00 16.21
CA GLU B 299 1.56 -3.42 16.43
C GLU B 299 0.56 -3.67 17.57
N GLY B 300 0.75 -2.98 18.69
CA GLY B 300 -0.15 -3.10 19.85
C GLY B 300 -1.61 -2.81 19.51
N TYR B 301 -1.86 -1.74 18.74
CA TYR B 301 -3.23 -1.41 18.33
C TYR B 301 -3.80 -2.42 17.37
N LEU B 302 -2.96 -3.04 16.53
CA LEU B 302 -3.44 -4.07 15.59
C LEU B 302 -3.95 -5.29 16.37
N LYS B 303 -3.29 -5.59 17.46
CA LYS B 303 -3.63 -6.75 18.28
C LYS B 303 -4.78 -6.50 19.25
N SER B 304 -5.13 -5.25 19.52
CA SER B 304 -6.15 -4.98 20.54
C SER B 304 -7.38 -4.24 20.01
N ASN B 305 -7.24 -3.52 18.90
CA ASN B 305 -8.28 -2.63 18.40
C ASN B 305 -8.63 -2.76 16.92
N VAL B 306 -7.80 -3.44 16.13
CA VAL B 306 -8.09 -3.65 14.74
C VAL B 306 -8.42 -5.11 14.41
N LEU B 307 -9.40 -5.29 13.53
CA LEU B 307 -9.88 -6.58 13.06
C LEU B 307 -9.80 -6.57 11.54
N VAL B 308 -9.43 -7.71 10.97
CA VAL B 308 -9.19 -7.85 9.54
CA VAL B 308 -9.27 -7.80 9.52
C VAL B 308 -10.06 -8.94 8.90
N THR B 309 -10.47 -8.72 7.67
CA THR B 309 -11.10 -9.76 6.90
C THR B 309 -10.26 -9.99 5.65
N ASN B 310 -10.46 -11.13 4.99
CA ASN B 310 -9.73 -11.45 3.76
C ASN B 310 -10.51 -11.08 2.47
N SER B 311 -11.42 -10.11 2.52
CA SER B 311 -12.21 -9.78 1.34
C SER B 311 -11.28 -9.55 0.15
N GLY B 312 -11.56 -10.22 -0.95
CA GLY B 312 -10.77 -10.05 -2.16
C GLY B 312 -9.40 -10.72 -2.14
N VAL B 313 -9.07 -11.41 -1.04
CA VAL B 313 -7.78 -12.05 -0.88
C VAL B 313 -8.00 -13.50 -0.41
N ALA B 314 -8.40 -14.37 -1.35
CA ALA B 314 -8.60 -15.80 -1.10
C ALA B 314 -7.29 -16.51 -1.35
N TRP B 315 -6.31 -16.20 -0.51
CA TRP B 315 -4.94 -16.56 -0.76
C TRP B 315 -4.28 -16.93 0.56
N GLU B 316 -3.96 -18.21 0.71
CA GLU B 316 -3.59 -18.79 1.98
C GLU B 316 -2.33 -18.20 2.62
N PRO B 317 -1.28 -17.92 1.82
CA PRO B 317 -0.09 -17.31 2.42
C PRO B 317 -0.34 -15.96 3.09
N ALA B 318 -1.21 -15.16 2.51
CA ALA B 318 -1.49 -13.85 3.03
C ALA B 318 -2.32 -13.99 4.29
N ILE B 319 -3.30 -14.89 4.24
CA ILE B 319 -4.15 -15.11 5.38
C ILE B 319 -3.34 -15.59 6.59
N LYS B 320 -2.46 -16.56 6.34
CA LYS B 320 -1.60 -17.07 7.41
C LYS B 320 -0.62 -16.05 7.99
N PHE B 321 -0.06 -15.22 7.12
CA PHE B 321 0.79 -14.12 7.55
C PHE B 321 0.05 -13.21 8.51
N CYS B 322 -1.15 -12.86 8.11
CA CYS B 322 -1.95 -11.91 8.85
C CYS B 322 -2.43 -12.54 10.19
N GLN B 323 -2.80 -13.83 10.18
CA GLN B 323 -3.05 -14.52 11.44
C GLN B 323 -1.88 -14.49 12.42
N GLN B 324 -0.67 -14.66 11.91
CA GLN B 324 0.51 -14.64 12.76
C GLN B 324 0.75 -13.26 13.37
N VAL B 325 0.56 -12.21 12.57
CA VAL B 325 0.81 -10.82 12.99
C VAL B 325 -0.23 -10.32 13.97
N MET B 326 -1.50 -10.55 13.66
CA MET B 326 -2.56 -10.03 14.47
C MET B 326 -3.19 -10.97 15.47
N GLY B 327 -2.99 -12.27 15.27
CA GLY B 327 -3.60 -13.30 16.09
C GLY B 327 -4.73 -13.92 15.30
N GLU B 328 -4.90 -15.23 15.45
CA GLU B 328 -5.90 -15.96 14.71
C GLU B 328 -7.33 -15.59 15.09
N ASP B 329 -7.51 -14.95 16.25
CA ASP B 329 -8.81 -14.45 16.70
C ASP B 329 -9.29 -13.20 16.00
N ARG B 330 -8.43 -12.59 15.20
CA ARG B 330 -8.70 -11.24 14.69
C ARG B 330 -8.75 -11.17 13.18
N VAL B 331 -8.76 -12.35 12.54
CA VAL B 331 -8.85 -12.49 11.08
C VAL B 331 -10.11 -13.28 10.72
N MET B 332 -10.92 -12.72 9.84
CA MET B 332 -12.22 -13.32 9.48
C MET B 332 -12.39 -13.48 7.97
N TYR B 333 -13.21 -14.44 7.58
CA TYR B 333 -13.65 -14.64 6.19
C TYR B 333 -14.64 -13.60 5.70
N ALA B 334 -14.44 -13.12 4.47
CA ALA B 334 -15.37 -12.28 3.75
C ALA B 334 -15.26 -12.67 2.29
N MET B 335 -16.37 -12.63 1.58
CA MET B 335 -16.38 -12.97 0.16
C MET B 335 -16.19 -11.74 -0.73
N ASN B 336 -16.77 -10.60 -0.32
CA ASN B 336 -16.89 -9.41 -1.18
C ASN B 336 -17.90 -9.60 -2.35
N TYR B 337 -19.01 -10.28 -2.06
CA TYR B 337 -20.10 -10.44 -2.99
C TYR B 337 -20.75 -9.07 -3.20
N PRO B 338 -21.12 -8.73 -4.45
CA PRO B 338 -21.04 -9.55 -5.68
C PRO B 338 -19.87 -9.20 -6.61
N TYR B 339 -18.96 -8.36 -6.11
CA TYR B 339 -17.83 -7.87 -6.88
C TYR B 339 -16.82 -8.98 -7.09
N GLN B 340 -16.80 -9.95 -6.18
CA GLN B 340 -15.91 -11.09 -6.26
C GLN B 340 -16.63 -12.33 -5.72
N TYR B 341 -17.45 -12.91 -6.60
CA TYR B 341 -18.30 -14.03 -6.33
C TYR B 341 -17.75 -15.23 -7.06
N VAL B 342 -16.89 -15.98 -6.37
CA VAL B 342 -16.13 -17.07 -7.01
C VAL B 342 -16.20 -18.32 -6.14
N ALA B 343 -16.90 -19.33 -6.62
CA ALA B 343 -17.03 -20.60 -5.86
C ALA B 343 -15.68 -21.25 -5.57
N ASP B 344 -14.74 -21.15 -6.50
CA ASP B 344 -13.42 -21.78 -6.28
C ASP B 344 -12.62 -21.07 -5.20
N GLU B 345 -12.92 -19.79 -4.94
CA GLU B 345 -12.32 -19.11 -3.80
C GLU B 345 -12.79 -19.71 -2.49
N VAL B 346 -14.08 -20.00 -2.38
CA VAL B 346 -14.61 -20.59 -1.16
C VAL B 346 -13.97 -21.96 -0.98
N ARG B 347 -13.88 -22.71 -2.06
CA ARG B 347 -13.25 -24.01 -2.02
C ARG B 347 -11.79 -23.95 -1.54
N ALA B 348 -11.06 -22.95 -2.01
CA ALA B 348 -9.64 -22.84 -1.66
C ALA B 348 -9.53 -22.47 -0.19
N MET B 349 -10.50 -21.69 0.33
CA MET B 349 -10.49 -21.34 1.75
C MET B 349 -10.89 -22.53 2.63
N ASP B 350 -11.87 -23.29 2.17
CA ASP B 350 -12.30 -24.48 2.92
C ASP B 350 -11.17 -25.48 3.06
N ALA B 351 -10.22 -25.44 2.12
CA ALA B 351 -9.20 -26.48 1.99
C ALA B 351 -7.86 -25.99 2.47
N MET B 352 -7.84 -24.87 3.17
CA MET B 352 -6.56 -24.40 3.70
C MET B 352 -5.91 -25.38 4.67
N ASP B 353 -4.58 -25.42 4.62
CA ASP B 353 -3.82 -26.22 5.57
C ASP B 353 -3.76 -25.56 6.93
N MET B 354 -4.84 -25.71 7.66
CA MET B 354 -5.05 -25.00 8.89
C MET B 354 -5.86 -25.93 9.78
N SER B 355 -5.63 -25.90 11.09
CA SER B 355 -6.36 -26.78 12.00
C SER B 355 -7.85 -26.53 11.93
N ALA B 356 -8.61 -27.56 12.23
CA ALA B 356 -10.06 -27.44 12.31
C ALA B 356 -10.49 -26.26 13.21
N GLN B 357 -9.85 -26.12 14.37
CA GLN B 357 -10.18 -25.08 15.33
C GLN B 357 -9.93 -23.67 14.73
N THR B 358 -8.83 -23.51 14.03
CA THR B 358 -8.46 -22.25 13.46
C THR B 358 -9.39 -21.89 12.31
N LYS B 359 -9.69 -22.88 11.46
CA LYS B 359 -10.58 -22.69 10.32
C LYS B 359 -11.99 -22.26 10.77
N LYS B 360 -12.47 -22.86 11.85
CA LYS B 360 -13.75 -22.48 12.44
C LYS B 360 -13.77 -21.05 13.04
N LYS B 361 -12.67 -20.62 13.66
CA LYS B 361 -12.51 -19.21 14.07
C LYS B 361 -12.61 -18.27 12.85
N PHE B 362 -11.88 -18.59 11.80
CA PHE B 362 -11.78 -17.79 10.56
C PHE B 362 -13.16 -17.66 9.88
N PHE B 363 -13.88 -18.77 9.75
CA PHE B 363 -15.15 -18.77 9.00
C PHE B 363 -16.35 -18.31 9.81
N GLN B 364 -16.31 -18.55 11.12
CA GLN B 364 -17.50 -18.49 11.95
C GLN B 364 -17.35 -17.75 13.27
N THR B 365 -16.56 -18.29 14.19
CA THR B 365 -16.64 -17.87 15.61
C THR B 365 -15.97 -16.53 15.86
N ASN B 366 -14.99 -16.11 15.04
CA ASN B 366 -14.50 -14.74 15.15
C ASN B 366 -15.60 -13.73 14.86
N ALA B 367 -16.29 -13.93 13.76
CA ALA B 367 -17.38 -13.05 13.40
C ALA B 367 -18.45 -13.03 14.48
N GLU B 368 -18.79 -14.20 14.98
CA GLU B 368 -19.80 -14.30 16.04
C GLU B 368 -19.42 -13.49 17.27
N LYS B 369 -18.15 -13.51 17.61
CA LYS B 369 -17.66 -12.71 18.72
C LYS B 369 -17.67 -11.21 18.42
N TRP B 370 -16.96 -10.79 17.37
CA TRP B 370 -16.78 -9.35 17.13
C TRP B 370 -18.03 -8.61 16.66
N PHE B 371 -18.95 -9.28 15.96
CA PHE B 371 -20.27 -8.66 15.61
C PHE B 371 -21.37 -8.96 16.61
N LYS B 372 -21.05 -9.72 17.65
CA LYS B 372 -22.00 -10.11 18.70
C LYS B 372 -23.22 -10.75 18.08
N LEU B 373 -22.99 -11.78 17.29
CA LEU B 373 -24.11 -12.45 16.59
C LEU B 373 -24.89 -13.36 17.53
C1 GOL C . -11.47 -11.69 -12.43
O1 GOL C . -10.08 -11.94 -12.31
C2 GOL C . -11.83 -11.52 -13.91
O2 GOL C . -11.62 -12.74 -14.62
C3 GOL C . -13.30 -11.11 -13.96
O3 GOL C . -13.67 -10.72 -15.29
CL CL D . -7.37 -12.67 -19.42
CL CL E . 5.39 17.75 -7.75
C1 1DF F . 14.09 8.14 4.28
CO1 1DF F . 14.23 6.76 4.18
CO2 1DF F . 14.58 8.97 3.29
CM1 1DF F . 14.76 6.22 3.03
CM2 1DF F . 15.17 8.42 2.15
OM 1DF F . 15.72 9.19 1.15
CZ 1DF F . 15.27 7.05 2.05
CC 1DF F . 13.58 8.71 5.54
CV 1DF F . 15.62 10.63 1.13
O1 1DF F . 13.59 7.98 6.63
O2 1DF F . 13.09 9.86 5.56
O3 1DF F . 15.91 6.49 1.00
N 1DF F . 14.26 4.78 2.58
O11 1DF F . 14.47 4.29 1.44
O22 1DF F . 13.63 4.15 3.45
C1 GOL G . -13.43 14.87 -3.01
O1 GOL G . -13.05 14.07 -4.14
C2 GOL G . -14.53 15.78 -3.50
O2 GOL G . -15.25 16.34 -2.42
C3 GOL G . -13.91 16.91 -4.29
O3 GOL G . -15.00 17.50 -5.00
C1 GOL H . -13.35 -17.59 20.12
O1 GOL H . -13.08 -18.98 19.93
C2 GOL H . -12.81 -16.82 18.92
O2 GOL H . -13.46 -17.19 17.69
C3 GOL H . -13.10 -15.34 19.14
O3 GOL H . -12.06 -14.56 18.56
C1 1DF I . -15.35 -3.11 -6.32
CO1 1DF I . -14.65 -3.78 -5.34
CO2 1DF I . -16.27 -2.13 -5.94
CM1 1DF I . -15.09 -3.75 -4.03
CM2 1DF I . -16.68 -2.05 -4.61
OM 1DF I . -17.57 -1.09 -4.15
CZ 1DF I . -16.15 -2.95 -3.70
CC 1DF I . -14.80 -3.18 -7.71
CV 1DF I . -18.31 -0.22 -5.02
O1 1DF I . -14.25 -4.28 -8.11
O2 1DF I . -14.87 -2.23 -8.48
O3 1DF I . -16.67 -3.08 -2.46
N 1DF I . -14.07 -4.18 -2.87
O11 1DF I . -14.33 -4.21 -1.66
O22 1DF I . -12.96 -4.52 -3.28
#